data_1L8N
#
_entry.id   1L8N
#
_cell.length_a   73.946
_cell.length_b   73.946
_cell.length_c   331.341
_cell.angle_alpha   90.00
_cell.angle_beta   90.00
_cell.angle_gamma   90.00
#
_symmetry.space_group_name_H-M   'P 41 21 2'
#
loop_
_entity.id
_entity.type
_entity.pdbx_description
1 polymer ALPHA-D-GLUCURONIDASE
2 branched beta-D-xylopyranose-(1-4)-beta-D-xylopyranose
3 non-polymer '4-O-methyl-beta-D-glucopyranuronic acid'
4 non-polymer GLYCEROL
5 water water
#
_entity_poly.entity_id   1
_entity_poly.type   'polypeptide(L)'
_entity_poly.pdbx_seq_one_letter_code
;MTAGYEPCWLRYERKDQYSRLRFEEIVAKRTSPIFQAAVEELQKGLRSMMEIEPQVVQEVNETANSIWLGTLEDEEFERP
LEGTLVHPEGYVIRSDVDDGPFRIYIIGKTDAGVLYGVFHFLRLLQMGENIAQLSIIEQPKNRLRMINHWDNMDGSIERG
YAGRSIFFVDDQFVKQNQRIKDYARLLASVGINAISINNVNVHKTETKLITDHFLPDVAEVADIFRTYGIKTFLSINYAS
PIEIGGLPTADPLDPEVRWWWKETAKRIYQYIPDFGGFVVKADSEFRPGPFTYGRDHAEGANMLAEALAPFGGLVIWRCF
VYNCQQDWRDRTTDRAKAAYDHFKPLDGQFRENVILQIKNGPMDFQVREPVSPLFGAMPKTNQMMEVQITQEYTGQQKHL
CFLIPQWKEVLDFDTYAKGKGSEVKKVIDGSLFDYRYSGIAGVSNIGSDPNWTGHTLAQANLYGFGRLAWNPDLSAEEIA
NEWVVQTFGDDSQVVETISWMLLSSWRIYENYTSPLGVGWMVNPGHHYGPNVDGYEYSHWGTYHYADRDGIGVDRTVATG
TGYTAQYFPENAAMYESLDTCPDELLLFFHHVPYTHRLHSGETVIQHIYNTHFEGVEQAKQLRKRWEQLKGKIDEKRYHD
VLERLTIQVEHAKEWRDVINTYFYRKSGIDDQYGRKIYR
;
_entity_poly.pdbx_strand_id   A
#
# COMPACT_ATOMS: atom_id res chain seq x y z
N GLY A 4 21.01 14.79 4.06
CA GLY A 4 20.42 14.21 5.24
C GLY A 4 19.73 12.89 5.00
N TYR A 5 19.42 12.51 3.76
CA TYR A 5 18.63 11.32 3.51
C TYR A 5 18.99 10.73 2.14
N GLU A 6 18.68 9.44 1.96
CA GLU A 6 18.98 8.71 0.75
C GLU A 6 18.11 9.08 -0.44
N PRO A 7 18.60 8.97 -1.65
CA PRO A 7 17.79 9.21 -2.85
C PRO A 7 16.89 8.03 -3.20
N CYS A 8 16.99 6.94 -2.40
CA CYS A 8 16.24 5.71 -2.67
C CYS A 8 16.52 5.18 -4.09
N TRP A 9 15.48 4.95 -4.91
CA TRP A 9 15.73 4.36 -6.22
C TRP A 9 16.02 5.47 -7.25
N LEU A 10 15.97 6.75 -6.87
CA LEU A 10 16.26 7.80 -7.88
C LEU A 10 17.72 8.23 -7.72
N ARG A 11 18.62 7.22 -7.85
CA ARG A 11 20.06 7.45 -7.65
C ARG A 11 20.68 8.23 -8.82
N TYR A 12 20.25 7.92 -10.04
CA TYR A 12 20.81 8.59 -11.23
C TYR A 12 22.33 8.50 -11.24
N GLU A 13 22.87 7.30 -10.94
CA GLU A 13 24.28 7.07 -10.86
C GLU A 13 24.95 7.38 -12.20
N ARG A 14 26.12 8.02 -12.08
CA ARG A 14 26.90 8.39 -13.25
C ARG A 14 27.21 7.14 -14.09
N LYS A 15 26.95 7.22 -15.39
CA LYS A 15 27.27 6.17 -16.34
C LYS A 15 28.74 6.18 -16.75
N ASP A 16 29.26 4.99 -17.14
CA ASP A 16 30.61 5.03 -17.74
C ASP A 16 30.58 5.68 -19.11
N GLN A 17 31.78 5.77 -19.75
CA GLN A 17 31.83 6.51 -21.00
C GLN A 17 31.18 5.79 -22.17
N TYR A 18 30.80 4.54 -21.99
CA TYR A 18 30.27 3.71 -23.07
C TYR A 18 28.76 3.62 -22.95
N SER A 19 28.18 4.39 -22.03
CA SER A 19 26.73 4.30 -21.78
C SER A 19 26.12 5.70 -21.78
N ARG A 20 26.66 6.61 -22.60
CA ARG A 20 26.16 7.98 -22.60
C ARG A 20 25.20 8.23 -23.76
N LEU A 21 24.45 9.31 -23.65
CA LEU A 21 23.52 9.81 -24.64
C LEU A 21 23.90 11.20 -25.10
N ARG A 22 23.64 11.49 -26.37
CA ARG A 22 23.92 12.82 -26.90
C ARG A 22 22.63 13.61 -27.09
N PHE A 23 22.38 14.63 -26.25
CA PHE A 23 21.26 15.55 -26.47
C PHE A 23 21.68 17.00 -26.25
N GLU A 24 21.16 17.92 -27.05
CA GLU A 24 21.48 19.32 -26.90
C GLU A 24 20.32 20.13 -26.32
N GLU A 25 19.07 19.65 -26.47
CA GLU A 25 17.94 20.48 -26.05
C GLU A 25 16.82 19.59 -25.49
N ILE A 26 16.10 20.20 -24.55
CA ILE A 26 14.84 19.67 -24.05
C ILE A 26 13.76 20.63 -24.53
N VAL A 27 12.82 20.15 -25.33
CA VAL A 27 11.75 21.02 -25.83
C VAL A 27 10.57 20.90 -24.87
N ALA A 28 10.29 21.98 -24.10
CA ALA A 28 9.20 21.96 -23.12
C ALA A 28 8.06 22.77 -23.69
N LYS A 29 7.02 22.11 -24.15
CA LYS A 29 5.98 22.84 -24.90
C LYS A 29 5.04 23.61 -23.97
N ARG A 30 5.06 23.35 -22.69
CA ARG A 30 4.21 24.07 -21.72
C ARG A 30 5.01 24.60 -20.54
N THR A 31 4.52 25.56 -19.75
CA THR A 31 5.31 26.01 -18.63
C THR A 31 4.50 25.92 -17.33
N SER A 32 3.54 25.01 -17.27
CA SER A 32 2.77 24.77 -16.06
C SER A 32 3.67 24.27 -14.94
N PRO A 33 3.26 24.40 -13.69
CA PRO A 33 4.10 23.83 -12.61
C PRO A 33 4.43 22.37 -12.81
N ILE A 34 3.54 21.51 -13.29
CA ILE A 34 3.90 20.09 -13.51
C ILE A 34 4.94 19.99 -14.59
N PHE A 35 4.81 20.71 -15.69
CA PHE A 35 5.83 20.66 -16.73
C PHE A 35 7.18 21.12 -16.18
N GLN A 36 7.13 22.15 -15.33
CA GLN A 36 8.42 22.60 -14.81
C GLN A 36 9.07 21.51 -13.97
N ALA A 37 8.24 20.78 -13.25
CA ALA A 37 8.77 19.73 -12.38
C ALA A 37 9.40 18.63 -13.22
N ALA A 38 8.72 18.31 -14.32
CA ALA A 38 9.15 17.27 -15.26
C ALA A 38 10.45 17.69 -15.92
N VAL A 39 10.56 18.93 -16.38
CA VAL A 39 11.83 19.43 -16.95
C VAL A 39 12.97 19.37 -15.92
N GLU A 40 12.70 19.85 -14.70
CA GLU A 40 13.71 19.84 -13.65
C GLU A 40 14.17 18.42 -13.38
N GLU A 41 13.27 17.44 -13.37
CA GLU A 41 13.68 16.05 -13.07
C GLU A 41 14.53 15.53 -14.23
N LEU A 42 14.10 15.89 -15.45
CA LEU A 42 14.90 15.44 -16.59
C LEU A 42 16.32 16.01 -16.56
N GLN A 43 16.40 17.31 -16.25
CA GLN A 43 17.71 17.96 -16.16
C GLN A 43 18.55 17.30 -15.09
N LYS A 44 17.94 17.01 -13.94
CA LYS A 44 18.64 16.39 -12.83
C LYS A 44 19.15 15.00 -13.22
N GLY A 45 18.31 14.16 -13.82
CA GLY A 45 18.75 12.79 -14.12
C GLY A 45 19.82 12.81 -15.19
N LEU A 46 19.64 13.67 -16.23
CA LEU A 46 20.64 13.69 -17.32
C LEU A 46 21.97 14.26 -16.88
N ARG A 47 21.96 15.26 -15.99
CA ARG A 47 23.22 15.76 -15.47
C ARG A 47 23.96 14.71 -14.62
N SER A 48 23.20 14.07 -13.72
CA SER A 48 23.81 13.07 -12.85
C SER A 48 24.25 11.82 -13.59
N MET A 49 23.39 11.27 -14.45
CA MET A 49 23.77 10.05 -15.17
C MET A 49 24.72 10.28 -16.32
N MET A 50 24.43 11.31 -17.12
CA MET A 50 25.07 11.46 -18.43
C MET A 50 26.08 12.61 -18.49
N GLU A 51 26.16 13.46 -17.44
CA GLU A 51 27.08 14.59 -17.49
C GLU A 51 26.75 15.52 -18.65
N ILE A 52 25.48 15.71 -18.99
CA ILE A 52 25.09 16.66 -20.02
C ILE A 52 24.12 17.66 -19.45
N GLU A 53 24.08 18.85 -20.05
CA GLU A 53 23.23 19.92 -19.61
C GLU A 53 22.52 20.51 -20.81
N PRO A 54 21.58 19.79 -21.41
CA PRO A 54 20.87 20.35 -22.58
C PRO A 54 20.10 21.62 -22.21
N GLN A 55 20.00 22.54 -23.16
CA GLN A 55 19.27 23.80 -22.94
C GLN A 55 17.77 23.55 -23.03
N VAL A 56 16.96 24.18 -22.19
CA VAL A 56 15.53 24.02 -22.24
C VAL A 56 14.96 25.10 -23.16
N VAL A 57 14.18 24.67 -24.15
CA VAL A 57 13.65 25.55 -25.20
C VAL A 57 12.15 25.30 -25.34
N GLN A 58 11.44 26.17 -26.07
CA GLN A 58 9.98 25.96 -26.18
C GLN A 58 9.54 25.54 -27.59
N GLU A 59 10.50 25.51 -28.52
CA GLU A 59 10.24 25.18 -29.91
C GLU A 59 11.40 24.35 -30.44
N VAL A 60 11.07 23.32 -31.24
CA VAL A 60 12.18 22.44 -31.62
C VAL A 60 13.13 23.11 -32.61
N ASN A 61 14.41 22.77 -32.47
CA ASN A 61 15.48 23.04 -33.43
C ASN A 61 15.62 21.80 -34.33
N GLU A 62 15.29 21.92 -35.62
CA GLU A 62 15.23 20.68 -36.37
C GLU A 62 16.60 20.08 -36.60
N THR A 63 17.71 20.73 -36.25
CA THR A 63 18.99 20.01 -36.37
C THR A 63 19.58 19.62 -35.03
N ALA A 64 18.84 19.81 -33.94
CA ALA A 64 19.37 19.43 -32.63
C ALA A 64 18.93 18.06 -32.18
N ASN A 65 19.81 17.36 -31.47
CA ASN A 65 19.33 16.15 -30.78
C ASN A 65 18.48 16.57 -29.58
N SER A 66 17.26 16.03 -29.45
CA SER A 66 16.32 16.61 -28.51
C SER A 66 15.42 15.62 -27.80
N ILE A 67 15.01 15.98 -26.57
CA ILE A 67 13.90 15.31 -25.92
C ILE A 67 12.73 16.31 -25.94
N TRP A 68 11.61 15.84 -26.45
CA TRP A 68 10.44 16.72 -26.64
C TRP A 68 9.38 16.33 -25.63
N LEU A 69 8.86 17.31 -24.90
CA LEU A 69 7.83 17.11 -23.89
C LEU A 69 6.58 17.88 -24.25
N GLY A 70 5.44 17.21 -24.34
CA GLY A 70 4.24 17.96 -24.71
C GLY A 70 3.03 17.08 -24.57
N THR A 71 1.85 17.70 -24.62
CA THR A 71 0.62 16.88 -24.68
C THR A 71 0.19 16.72 -26.16
N LEU A 72 -0.91 16.01 -26.41
CA LEU A 72 -1.39 15.87 -27.80
C LEU A 72 -1.64 17.18 -28.52
N GLU A 73 -2.12 18.17 -27.79
CA GLU A 73 -2.47 19.36 -28.60
C GLU A 73 -1.20 20.15 -28.94
N ASP A 74 -0.07 19.83 -28.32
CA ASP A 74 1.16 20.53 -28.66
C ASP A 74 1.88 19.91 -29.85
N GLU A 75 1.40 18.78 -30.36
CA GLU A 75 2.06 18.05 -31.43
C GLU A 75 1.89 18.67 -32.81
N GLU A 76 2.98 18.70 -33.58
CA GLU A 76 2.78 19.12 -34.95
C GLU A 76 1.99 18.06 -35.72
N PHE A 77 2.43 16.81 -35.53
CA PHE A 77 1.75 15.69 -36.15
C PHE A 77 1.35 14.72 -35.04
N GLU A 78 0.09 14.34 -34.89
CA GLU A 78 -0.30 13.41 -33.82
C GLU A 78 -0.34 12.01 -34.43
N ARG A 79 0.60 11.15 -34.06
CA ARG A 79 0.69 9.85 -34.73
C ARG A 79 -0.25 8.84 -34.09
N PRO A 80 -0.53 7.71 -34.71
CA PRO A 80 -1.59 6.84 -34.17
C PRO A 80 -1.35 6.32 -32.78
N LEU A 81 -0.13 6.05 -32.33
CA LEU A 81 0.03 5.46 -31.01
C LEU A 81 -0.49 6.38 -29.92
N GLU A 82 -0.05 7.64 -29.90
CA GLU A 82 -0.53 8.55 -28.85
C GLU A 82 -2.00 8.84 -29.12
N GLY A 83 -2.46 8.68 -30.37
CA GLY A 83 -3.87 8.75 -30.72
C GLY A 83 -4.75 7.73 -30.04
N THR A 84 -4.23 6.61 -29.56
CA THR A 84 -4.97 5.58 -28.85
C THR A 84 -5.03 5.82 -27.34
N LEU A 85 -4.38 6.88 -26.82
CA LEU A 85 -4.45 7.15 -25.40
C LEU A 85 -5.85 7.60 -25.00
N VAL A 86 -6.35 7.13 -23.89
CA VAL A 86 -7.66 7.52 -23.38
C VAL A 86 -7.55 8.01 -21.95
N HIS A 87 -6.64 7.48 -21.14
CA HIS A 87 -6.56 7.88 -19.73
C HIS A 87 -5.82 9.18 -19.56
N PRO A 88 -6.31 10.15 -18.78
CA PRO A 88 -5.63 11.42 -18.65
C PRO A 88 -4.16 11.31 -18.25
N GLU A 89 -3.76 10.29 -17.50
CA GLU A 89 -2.40 10.23 -16.98
C GLU A 89 -1.56 9.32 -17.89
N GLY A 90 -2.12 8.85 -19.01
CA GLY A 90 -1.36 8.06 -19.93
C GLY A 90 -0.34 8.85 -20.73
N TYR A 91 0.64 8.15 -21.32
CA TYR A 91 1.67 8.81 -22.14
C TYR A 91 2.19 7.78 -23.16
N VAL A 92 2.92 8.33 -24.14
CA VAL A 92 3.66 7.58 -25.12
C VAL A 92 5.11 8.08 -25.06
N ILE A 93 6.04 7.16 -25.20
CA ILE A 93 7.45 7.56 -25.42
C ILE A 93 7.88 6.91 -26.73
N ARG A 94 8.39 7.72 -27.66
CA ARG A 94 8.85 7.10 -28.91
C ARG A 94 10.06 7.85 -29.48
N SER A 95 11.00 7.06 -30.03
CA SER A 95 12.16 7.59 -30.72
C SER A 95 11.73 7.91 -32.15
N ASP A 96 12.17 9.08 -32.66
CA ASP A 96 11.85 9.38 -34.07
C ASP A 96 12.57 8.42 -35.00
N VAL A 97 11.96 7.96 -36.10
CA VAL A 97 12.72 7.00 -36.92
C VAL A 97 13.29 7.68 -38.15
N ASP A 98 13.21 8.99 -38.27
CA ASP A 98 14.02 9.76 -39.20
C ASP A 98 15.50 9.33 -39.16
N PRO A 101 18.87 13.71 -36.94
CA PRO A 101 19.02 14.04 -35.48
C PRO A 101 18.19 13.09 -34.65
N PHE A 102 18.71 12.86 -33.45
CA PHE A 102 18.02 11.95 -32.54
C PHE A 102 16.92 12.68 -31.79
N ARG A 103 15.71 12.17 -31.83
CA ARG A 103 14.63 12.80 -31.08
C ARG A 103 13.84 11.76 -30.29
N ILE A 104 13.61 12.08 -29.02
CA ILE A 104 12.71 11.29 -28.20
C ILE A 104 11.46 12.13 -27.94
N TYR A 105 10.27 11.62 -28.18
CA TYR A 105 9.06 12.34 -27.87
C TYR A 105 8.40 11.67 -26.65
N ILE A 106 8.12 12.51 -25.65
CA ILE A 106 7.36 12.06 -24.49
C ILE A 106 6.02 12.80 -24.57
N ILE A 107 4.97 12.07 -24.87
CA ILE A 107 3.70 12.68 -25.23
C ILE A 107 2.64 12.27 -24.21
N GLY A 108 2.18 13.24 -23.41
CA GLY A 108 1.23 12.88 -22.37
C GLY A 108 -0.18 13.26 -22.75
N LYS A 109 -1.19 12.53 -22.26
CA LYS A 109 -2.56 12.95 -22.52
C LYS A 109 -2.87 14.27 -21.80
N THR A 110 -2.26 14.49 -20.64
CA THR A 110 -2.33 15.70 -19.84
C THR A 110 -0.94 15.94 -19.26
N ASP A 111 -0.76 17.06 -18.57
CA ASP A 111 0.57 17.38 -18.02
C ASP A 111 1.06 16.28 -17.08
N ALA A 112 0.21 15.65 -16.29
CA ALA A 112 0.69 14.57 -15.40
C ALA A 112 1.22 13.38 -16.21
N GLY A 113 0.61 13.09 -17.36
CA GLY A 113 1.15 12.01 -18.20
C GLY A 113 2.56 12.35 -18.65
N VAL A 114 2.86 13.63 -18.93
CA VAL A 114 4.24 13.97 -19.31
C VAL A 114 5.22 13.73 -18.16
N LEU A 115 4.78 14.06 -16.95
CA LEU A 115 5.62 13.82 -15.77
C LEU A 115 5.87 12.33 -15.59
N TYR A 116 4.83 11.50 -15.61
CA TYR A 116 5.06 10.07 -15.47
C TYR A 116 5.93 9.52 -16.59
N GLY A 117 5.78 10.13 -17.82
CA GLY A 117 6.59 9.70 -18.95
C GLY A 117 8.04 10.05 -18.75
N VAL A 118 8.35 11.21 -18.17
CA VAL A 118 9.73 11.60 -17.87
C VAL A 118 10.30 10.61 -16.85
N PHE A 119 9.55 10.30 -15.77
CA PHE A 119 10.08 9.31 -14.82
C PHE A 119 10.32 7.94 -15.48
N HIS A 120 9.44 7.52 -16.40
CA HIS A 120 9.66 6.25 -17.08
C HIS A 120 10.94 6.34 -17.92
N PHE A 121 11.10 7.44 -18.69
CA PHE A 121 12.30 7.55 -19.54
C PHE A 121 13.55 7.50 -18.68
N LEU A 122 13.55 8.17 -17.51
CA LEU A 122 14.71 8.12 -16.62
C LEU A 122 14.92 6.74 -16.03
N ARG A 123 13.82 6.01 -15.78
CA ARG A 123 13.90 4.65 -15.29
C ARG A 123 14.62 3.78 -16.33
N LEU A 124 14.29 3.94 -17.62
CA LEU A 124 14.94 3.18 -18.69
C LEU A 124 16.44 3.47 -18.67
N LEU A 125 16.79 4.75 -18.46
CA LEU A 125 18.22 5.13 -18.43
C LEU A 125 18.91 4.51 -17.23
N GLN A 126 18.33 4.60 -16.04
CA GLN A 126 18.92 3.97 -14.85
C GLN A 126 19.14 2.49 -15.10
N MET A 127 18.19 1.84 -15.78
CA MET A 127 18.25 0.40 -16.03
C MET A 127 19.15 0.04 -17.20
N GLY A 128 19.68 1.02 -17.91
CA GLY A 128 20.63 0.73 -18.99
C GLY A 128 19.96 0.26 -20.27
N GLU A 129 18.69 0.61 -20.51
CA GLU A 129 18.01 0.12 -21.70
C GLU A 129 18.41 0.87 -22.96
N ASN A 130 18.41 0.19 -24.12
CA ASN A 130 18.73 0.87 -25.39
C ASN A 130 17.56 1.74 -25.81
N ILE A 131 17.74 3.04 -25.94
CA ILE A 131 16.59 3.91 -26.28
C ILE A 131 16.62 4.34 -27.74
N ALA A 132 17.40 3.68 -28.58
CA ALA A 132 17.48 4.13 -29.96
C ALA A 132 16.16 3.97 -30.71
N GLN A 133 15.31 3.00 -30.37
CA GLN A 133 14.12 2.68 -31.13
C GLN A 133 12.95 2.45 -30.20
N LEU A 134 12.66 3.42 -29.32
CA LEU A 134 11.58 3.23 -28.37
C LEU A 134 10.20 3.37 -28.99
N SER A 135 9.26 2.55 -28.53
CA SER A 135 7.85 2.73 -28.84
C SER A 135 7.08 2.17 -27.64
N ILE A 136 6.66 3.10 -26.76
CA ILE A 136 6.06 2.75 -25.48
C ILE A 136 4.73 3.47 -25.30
N ILE A 137 3.73 2.72 -24.84
CA ILE A 137 2.53 3.39 -24.38
C ILE A 137 2.21 2.84 -22.98
N GLU A 138 1.84 3.75 -22.07
CA GLU A 138 1.52 3.37 -20.70
C GLU A 138 0.33 4.16 -20.19
N GLN A 139 -0.65 3.45 -19.60
CA GLN A 139 -1.82 4.10 -19.00
C GLN A 139 -2.06 3.40 -17.68
N PRO A 140 -2.30 4.14 -16.61
CA PRO A 140 -2.49 3.46 -15.33
C PRO A 140 -3.80 2.68 -15.29
N LYS A 141 -3.85 1.57 -14.54
CA LYS A 141 -5.10 0.83 -14.41
C LYS A 141 -6.01 1.36 -13.31
N ASN A 142 -5.44 1.86 -12.24
CA ASN A 142 -6.21 2.37 -11.10
C ASN A 142 -6.25 3.90 -11.12
N ARG A 143 -7.47 4.47 -11.02
CA ARG A 143 -7.58 5.93 -11.07
C ARG A 143 -7.03 6.60 -9.83
N LEU A 144 -7.33 6.06 -8.64
CA LEU A 144 -6.74 6.54 -7.39
C LEU A 144 -5.60 5.61 -6.99
N ARG A 145 -4.42 6.19 -6.79
CA ARG A 145 -3.19 5.44 -6.43
C ARG A 145 -2.62 6.22 -5.27
N MET A 146 -3.04 5.83 -4.06
CA MET A 146 -2.90 6.72 -2.92
C MET A 146 -2.05 6.22 -1.80
N ILE A 147 -1.48 7.15 -1.06
CA ILE A 147 -0.78 6.83 0.19
C ILE A 147 -1.55 7.42 1.38
N ASN A 148 -1.71 6.63 2.43
CA ASN A 148 -2.28 7.13 3.67
C ASN A 148 -1.16 7.27 4.72
N HIS A 149 -0.96 8.42 5.30
CA HIS A 149 -0.08 8.64 6.44
C HIS A 149 -0.79 8.50 7.77
N TRP A 150 -0.14 7.77 8.69
CA TRP A 150 -0.69 7.66 10.05
C TRP A 150 0.07 8.58 11.00
N ASP A 151 0.64 9.64 10.42
CA ASP A 151 1.35 10.66 11.18
C ASP A 151 0.45 11.53 12.10
N ASN A 152 0.95 11.75 13.31
CA ASN A 152 0.35 12.66 14.27
C ASN A 152 1.11 13.99 14.32
N MET A 153 0.43 15.05 14.75
CA MET A 153 1.10 16.36 14.73
C MET A 153 2.09 16.53 15.87
N ASP A 154 2.14 15.62 16.86
CA ASP A 154 3.24 15.69 17.84
C ASP A 154 4.51 15.08 17.24
N GLY A 155 4.46 14.58 16.01
CA GLY A 155 5.63 14.01 15.32
C GLY A 155 5.67 12.51 15.41
N SER A 156 4.90 11.88 16.29
CA SER A 156 4.84 10.42 16.29
C SER A 156 4.07 9.95 15.05
N ILE A 157 4.29 8.69 14.71
CA ILE A 157 3.58 8.04 13.62
C ILE A 157 2.98 6.75 14.20
N GLU A 158 1.68 6.60 14.11
CA GLU A 158 1.02 5.38 14.62
C GLU A 158 1.46 4.22 13.72
N ARG A 159 2.01 3.18 14.35
CA ARG A 159 2.60 2.05 13.64
C ARG A 159 3.70 2.50 12.69
N GLY A 160 4.51 3.51 13.08
CA GLY A 160 5.64 3.96 12.30
C GLY A 160 6.94 3.33 12.81
N TYR A 161 7.65 2.66 11.90
CA TYR A 161 8.89 1.96 12.29
C TYR A 161 10.14 2.55 11.62
N ALA A 162 9.99 3.75 11.07
CA ALA A 162 11.01 4.37 10.25
C ALA A 162 11.37 5.76 10.71
N GLY A 163 11.15 6.08 12.00
CA GLY A 163 11.43 7.43 12.51
C GLY A 163 10.15 8.24 12.67
N ARG A 164 10.32 9.52 12.97
CA ARG A 164 9.26 10.46 13.22
C ARG A 164 8.68 11.05 11.94
N SER A 165 7.57 11.78 12.14
CA SER A 165 6.92 12.41 10.99
C SER A 165 7.85 13.33 10.20
N ILE A 166 7.73 13.28 8.88
CA ILE A 166 8.46 14.29 8.08
C ILE A 166 7.56 15.51 7.88
N PHE A 167 6.31 15.46 8.29
CA PHE A 167 5.37 16.59 8.08
C PHE A 167 5.23 17.47 9.32
N PHE A 168 5.20 16.84 10.49
CA PHE A 168 4.82 17.54 11.72
C PHE A 168 5.85 17.38 12.84
N VAL A 169 5.95 18.38 13.69
CA VAL A 169 6.68 18.33 14.94
C VAL A 169 6.09 19.38 15.90
N ASP A 170 6.00 19.03 17.18
CA ASP A 170 5.58 19.94 18.22
C ASP A 170 4.21 20.56 17.94
N ASP A 171 3.27 19.82 17.38
CA ASP A 171 1.91 20.25 17.07
C ASP A 171 1.85 21.34 16.01
N GLN A 172 2.85 21.32 15.15
CA GLN A 172 2.89 22.23 14.03
C GLN A 172 3.49 21.51 12.82
N PHE A 173 3.46 22.22 11.72
CA PHE A 173 4.11 21.75 10.51
C PHE A 173 5.61 22.03 10.60
N VAL A 174 6.42 21.10 10.12
CA VAL A 174 7.86 21.27 9.98
C VAL A 174 8.10 22.47 9.09
N ASN A 177 10.64 21.97 3.95
CA ASN A 177 9.82 21.42 2.89
C ASN A 177 10.67 20.80 1.81
N GLN A 178 12.00 20.96 1.94
CA GLN A 178 12.77 20.33 0.83
C GLN A 178 12.55 18.84 0.96
N ARG A 179 12.37 18.27 2.17
CA ARG A 179 12.23 16.81 2.20
C ARG A 179 10.88 16.41 1.63
N ILE A 180 9.89 17.27 1.80
CA ILE A 180 8.56 16.99 1.19
C ILE A 180 8.63 16.97 -0.33
N LYS A 181 9.40 17.90 -0.90
CA LYS A 181 9.60 17.88 -2.36
C LYS A 181 10.26 16.60 -2.82
N ASP A 182 11.29 16.15 -2.10
CA ASP A 182 11.97 14.91 -2.52
C ASP A 182 11.04 13.71 -2.32
N TYR A 183 10.18 13.74 -1.28
CA TYR A 183 9.18 12.70 -1.11
C TYR A 183 8.18 12.69 -2.25
N ALA A 184 7.72 13.91 -2.64
CA ALA A 184 6.80 14.01 -3.77
C ALA A 184 7.44 13.47 -5.07
N ARG A 185 8.73 13.71 -5.30
CA ARG A 185 9.43 13.11 -6.43
C ARG A 185 9.42 11.59 -6.37
N LEU A 186 9.71 11.01 -5.20
CA LEU A 186 9.67 9.54 -5.08
C LEU A 186 8.27 9.01 -5.38
N LEU A 187 7.26 9.66 -4.80
CA LEU A 187 5.88 9.17 -5.04
C LEU A 187 5.52 9.27 -6.52
N ALA A 188 5.78 10.43 -7.15
CA ALA A 188 5.38 10.59 -8.54
C ALA A 188 6.17 9.66 -9.44
N SER A 189 7.40 9.31 -8.99
CA SER A 189 8.22 8.45 -9.89
C SER A 189 7.56 7.09 -10.05
N VAL A 190 6.77 6.69 -9.05
CA VAL A 190 6.07 5.41 -9.18
C VAL A 190 4.56 5.63 -9.36
N GLY A 191 4.19 6.85 -9.76
CA GLY A 191 2.83 7.12 -10.19
C GLY A 191 1.81 7.43 -9.12
N ILE A 192 2.22 7.56 -7.87
CA ILE A 192 1.24 7.81 -6.82
C ILE A 192 0.65 9.20 -7.00
N ASN A 193 -0.68 9.32 -6.93
CA ASN A 193 -1.30 10.60 -7.33
C ASN A 193 -2.21 11.14 -6.24
N ALA A 194 -2.09 10.52 -5.05
CA ALA A 194 -3.00 11.01 -3.97
C ALA A 194 -2.36 10.74 -2.62
N ILE A 195 -2.54 11.64 -1.65
CA ILE A 195 -1.97 11.38 -0.33
C ILE A 195 -2.88 11.97 0.76
N SER A 196 -3.04 11.24 1.87
CA SER A 196 -3.64 11.83 3.06
C SER A 196 -2.51 12.00 4.06
N ILE A 197 -2.36 13.19 4.63
CA ILE A 197 -1.13 13.51 5.37
C ILE A 197 -1.20 13.21 6.86
N ASN A 198 -2.37 12.89 7.39
CA ASN A 198 -2.52 12.78 8.84
C ASN A 198 -3.28 11.52 9.22
N ASN A 199 -2.99 10.98 10.36
CA ASN A 199 -3.53 9.76 10.93
C ASN A 199 -5.05 9.67 10.82
N VAL A 200 -5.53 8.48 10.41
CA VAL A 200 -6.97 8.21 10.39
C VAL A 200 -7.57 8.28 11.78
N ASN A 201 -6.78 8.05 12.85
CA ASN A 201 -7.21 8.35 14.22
C ASN A 201 -6.89 9.83 14.49
N VAL A 202 -7.89 10.70 14.36
CA VAL A 202 -7.67 12.16 14.36
C VAL A 202 -7.82 12.66 15.77
N HIS A 203 -6.69 13.07 16.35
CA HIS A 203 -6.70 13.54 17.76
C HIS A 203 -7.03 15.02 17.81
N LYS A 204 -6.85 15.58 19.01
CA LYS A 204 -7.40 16.93 19.21
C LYS A 204 -6.78 17.99 18.30
N THR A 205 -5.44 18.08 18.18
CA THR A 205 -4.81 19.10 17.34
C THR A 205 -5.13 18.89 15.86
N GLU A 206 -5.10 17.63 15.45
CA GLU A 206 -5.28 17.23 14.06
C GLU A 206 -6.69 17.52 13.59
N THR A 207 -7.66 17.51 14.50
CA THR A 207 -9.02 17.90 14.15
C THR A 207 -9.05 19.29 13.55
N LYS A 208 -8.08 20.15 13.96
CA LYS A 208 -8.05 21.54 13.52
C LYS A 208 -7.43 21.67 12.14
N LEU A 209 -7.02 20.56 11.50
CA LEU A 209 -6.39 20.75 10.18
C LEU A 209 -7.38 21.29 9.15
N ILE A 210 -8.68 21.19 9.45
CA ILE A 210 -9.73 21.67 8.54
C ILE A 210 -10.15 23.07 8.93
N THR A 211 -9.41 23.76 9.80
CA THR A 211 -9.77 25.14 10.21
C THR A 211 -8.71 26.15 9.70
N ASP A 212 -9.09 27.44 9.71
CA ASP A 212 -8.21 28.52 9.29
C ASP A 212 -6.88 28.50 10.03
N HIS A 213 -6.83 28.01 11.26
CA HIS A 213 -5.52 28.03 11.92
C HIS A 213 -4.45 27.21 11.21
N PHE A 214 -4.82 26.10 10.61
CA PHE A 214 -3.78 25.25 9.97
C PHE A 214 -3.92 25.21 8.44
N LEU A 215 -5.03 25.63 7.88
CA LEU A 215 -5.18 25.51 6.41
C LEU A 215 -4.07 26.23 5.66
N PRO A 216 -3.52 27.37 6.04
CA PRO A 216 -2.41 27.94 5.25
C PRO A 216 -1.26 26.94 5.15
N ASP A 217 -0.98 26.23 6.25
CA ASP A 217 0.11 25.27 6.25
C ASP A 217 -0.21 24.03 5.40
N VAL A 218 -1.47 23.57 5.52
CA VAL A 218 -1.92 22.44 4.69
C VAL A 218 -1.75 22.83 3.23
N ALA A 219 -2.09 24.07 2.89
CA ALA A 219 -2.06 24.54 1.49
C ALA A 219 -0.64 24.57 0.96
N GLU A 220 0.32 24.95 1.82
CA GLU A 220 1.72 24.97 1.39
C GLU A 220 2.21 23.56 1.02
N VAL A 221 1.83 22.57 1.81
CA VAL A 221 2.17 21.19 1.49
C VAL A 221 1.44 20.74 0.25
N ALA A 222 0.16 21.06 0.11
CA ALA A 222 -0.64 20.72 -1.08
C ALA A 222 -0.03 21.34 -2.34
N ASP A 223 0.52 22.55 -2.19
CA ASP A 223 1.17 23.25 -3.30
C ASP A 223 2.34 22.42 -3.86
N ILE A 224 3.15 21.87 -2.94
CA ILE A 224 4.27 21.02 -3.37
C ILE A 224 3.81 19.75 -4.03
N PHE A 225 2.85 19.05 -3.40
CA PHE A 225 2.35 17.82 -4.04
C PHE A 225 1.67 18.07 -5.37
N ARG A 226 0.96 19.18 -5.54
CA ARG A 226 0.27 19.45 -6.80
C ARG A 226 1.25 19.51 -7.98
N THR A 227 2.42 20.07 -7.72
CA THR A 227 3.46 20.22 -8.76
C THR A 227 3.91 18.86 -9.25
N TYR A 228 3.70 17.81 -8.45
CA TYR A 228 4.08 16.44 -8.83
C TYR A 228 2.86 15.58 -9.14
N GLY A 229 1.71 16.19 -9.46
CA GLY A 229 0.51 15.51 -9.87
C GLY A 229 -0.23 14.79 -8.77
N ILE A 230 -0.04 15.22 -7.52
CA ILE A 230 -0.57 14.50 -6.33
C ILE A 230 -1.63 15.37 -5.67
N LYS A 231 -2.80 14.82 -5.48
CA LYS A 231 -3.86 15.54 -4.77
C LYS A 231 -3.79 15.23 -3.26
N THR A 232 -4.10 16.26 -2.48
CA THR A 232 -3.99 16.17 -1.04
C THR A 232 -5.37 15.93 -0.42
N PHE A 233 -5.40 15.01 0.55
CA PHE A 233 -6.56 14.67 1.34
C PHE A 233 -6.24 14.87 2.82
N LEU A 234 -7.32 15.08 3.59
CA LEU A 234 -7.14 15.06 5.04
C LEU A 234 -7.97 13.98 5.68
N SER A 235 -7.46 13.32 6.74
CA SER A 235 -8.35 12.48 7.55
C SER A 235 -9.14 13.37 8.50
N ILE A 236 -10.40 13.06 8.75
CA ILE A 236 -11.21 13.96 9.58
C ILE A 236 -11.80 13.22 10.77
N ASN A 237 -12.07 14.07 11.78
CA ASN A 237 -12.77 13.63 12.99
C ASN A 237 -14.26 13.82 12.74
N TYR A 238 -15.04 12.74 12.73
CA TYR A 238 -16.48 12.84 12.41
C TYR A 238 -17.22 13.76 13.39
N ALA A 239 -16.68 13.87 14.61
CA ALA A 239 -17.32 14.71 15.63
C ALA A 239 -16.83 16.15 15.58
N SER A 240 -16.13 16.59 14.52
CA SER A 240 -15.70 17.98 14.41
C SER A 240 -16.78 19.01 14.64
N PRO A 241 -18.03 18.88 14.19
CA PRO A 241 -19.03 19.92 14.51
C PRO A 241 -19.16 20.17 16.00
N ILE A 242 -18.96 19.15 16.85
CA ILE A 242 -18.95 19.39 18.28
C ILE A 242 -17.64 19.99 18.75
N GLU A 243 -16.56 19.32 18.38
CA GLU A 243 -15.27 19.59 18.96
C GLU A 243 -14.74 20.94 18.54
N ILE A 244 -14.96 21.29 17.26
CA ILE A 244 -14.45 22.61 16.88
C ILE A 244 -15.57 23.52 16.43
N GLY A 245 -16.75 23.06 16.07
CA GLY A 245 -17.79 23.94 15.52
C GLY A 245 -18.82 24.39 16.52
N GLY A 246 -18.69 24.00 17.79
CA GLY A 246 -19.54 24.45 18.87
C GLY A 246 -20.98 24.01 18.71
N LEU A 247 -21.25 22.94 17.98
CA LEU A 247 -22.59 22.43 17.85
C LEU A 247 -22.90 21.38 18.91
N PRO A 248 -24.16 21.18 19.26
CA PRO A 248 -24.45 20.19 20.33
C PRO A 248 -24.43 18.75 19.87
N THR A 249 -24.27 18.46 18.58
CA THR A 249 -24.32 17.10 18.07
C THR A 249 -23.52 17.01 16.76
N ALA A 250 -23.23 15.80 16.33
CA ALA A 250 -22.53 15.54 15.07
C ALA A 250 -23.41 14.67 14.17
N ASP A 251 -24.68 14.48 14.55
CA ASP A 251 -25.64 13.71 13.78
C ASP A 251 -25.71 14.18 12.32
N PRO A 252 -25.42 13.31 11.36
CA PRO A 252 -25.45 13.72 9.94
C PRO A 252 -26.81 14.13 9.43
N LEU A 253 -27.88 13.77 10.15
CA LEU A 253 -29.17 14.25 9.66
C LEU A 253 -29.53 15.57 10.33
N ASP A 254 -28.75 16.09 11.24
CA ASP A 254 -29.12 17.37 11.84
C ASP A 254 -28.85 18.50 10.84
N PRO A 255 -29.78 19.33 10.49
CA PRO A 255 -29.55 20.36 9.47
C PRO A 255 -28.34 21.24 9.76
N GLU A 256 -28.11 21.64 11.01
CA GLU A 256 -26.97 22.52 11.26
C GLU A 256 -25.64 21.81 11.09
N VAL A 257 -25.60 20.51 11.38
CA VAL A 257 -24.38 19.72 11.12
C VAL A 257 -24.10 19.69 9.63
N ARG A 258 -25.17 19.47 8.85
CA ARG A 258 -24.99 19.36 7.41
C ARG A 258 -24.41 20.67 6.85
N TRP A 259 -24.98 21.79 7.32
CA TRP A 259 -24.50 23.10 6.92
C TRP A 259 -23.05 23.34 7.36
N TRP A 260 -22.72 22.94 8.62
CA TRP A 260 -21.36 23.14 9.13
C TRP A 260 -20.35 22.49 8.19
N TRP A 261 -20.63 21.23 7.78
CA TRP A 261 -19.72 20.55 6.86
C TRP A 261 -19.68 21.22 5.48
N LYS A 262 -20.81 21.73 4.97
CA LYS A 262 -20.79 22.46 3.71
C LYS A 262 -19.89 23.70 3.82
N GLU A 263 -20.00 24.45 4.93
CA GLU A 263 -19.18 25.63 5.13
C GLU A 263 -17.72 25.25 5.29
N THR A 264 -17.47 24.12 5.98
CA THR A 264 -16.08 23.67 6.13
C THR A 264 -15.49 23.34 4.75
N ALA A 265 -16.26 22.65 3.92
CA ALA A 265 -15.79 22.33 2.55
C ALA A 265 -15.47 23.61 1.77
N LYS A 266 -16.40 24.56 1.78
CA LYS A 266 -16.16 25.80 1.05
C LYS A 266 -14.89 26.49 1.51
N ARG A 267 -14.63 26.53 2.82
CA ARG A 267 -13.43 27.14 3.38
C ARG A 267 -12.17 26.42 2.89
N ILE A 268 -12.15 25.11 2.97
CA ILE A 268 -10.95 24.40 2.50
C ILE A 268 -10.66 24.69 1.05
N TYR A 269 -11.70 24.68 0.20
CA TYR A 269 -11.47 24.87 -1.25
C TYR A 269 -11.03 26.30 -1.53
N GLN A 270 -11.23 27.25 -0.62
CA GLN A 270 -10.65 28.59 -0.83
C GLN A 270 -9.15 28.56 -0.68
N TYR A 271 -8.62 27.69 0.15
CA TYR A 271 -7.18 27.54 0.28
C TYR A 271 -6.55 26.56 -0.70
N ILE A 272 -7.27 25.49 -1.05
CA ILE A 272 -6.81 24.34 -1.85
C ILE A 272 -7.85 24.02 -2.90
N PRO A 273 -7.85 24.70 -4.02
CA PRO A 273 -8.98 24.62 -4.96
C PRO A 273 -9.15 23.24 -5.59
N ASP A 274 -8.11 22.40 -5.54
CA ASP A 274 -8.20 21.04 -6.05
C ASP A 274 -8.08 20.01 -4.92
N PHE A 275 -8.44 20.40 -3.71
CA PHE A 275 -8.41 19.49 -2.58
C PHE A 275 -9.06 18.15 -2.90
N GLY A 276 -8.40 17.04 -2.52
CA GLY A 276 -8.93 15.75 -2.88
C GLY A 276 -10.21 15.34 -2.16
N GLY A 277 -10.29 15.67 -0.87
CA GLY A 277 -11.36 15.23 -0.03
C GLY A 277 -10.92 14.67 1.32
N PHE A 278 -11.85 13.89 1.88
CA PHE A 278 -11.67 13.41 3.25
C PHE A 278 -11.45 11.92 3.31
N VAL A 279 -10.57 11.48 4.19
CA VAL A 279 -10.50 10.04 4.59
C VAL A 279 -11.19 9.94 5.93
N VAL A 280 -12.03 8.93 6.15
CA VAL A 280 -12.84 8.87 7.36
C VAL A 280 -12.79 7.48 8.00
N LYS A 281 -12.34 7.43 9.25
CA LYS A 281 -12.44 6.28 10.12
C LYS A 281 -13.56 6.64 11.11
N ALA A 282 -14.70 5.97 10.97
CA ALA A 282 -15.85 6.27 11.82
C ALA A 282 -16.38 4.97 12.42
N ASP A 283 -16.83 5.00 13.65
CA ASP A 283 -17.49 3.88 14.34
C ASP A 283 -16.56 2.68 14.36
N SER A 284 -15.28 2.95 14.61
CA SER A 284 -14.25 1.88 14.65
C SER A 284 -13.31 2.15 15.82
N GLU A 285 -13.03 1.16 16.67
CA GLU A 285 -11.99 1.31 17.70
C GLU A 285 -12.19 2.60 18.48
N PHE A 286 -13.44 2.84 18.89
CA PHE A 286 -13.81 3.95 19.74
C PHE A 286 -13.71 5.29 19.05
N ARG A 287 -13.51 5.36 17.73
CA ARG A 287 -13.62 6.64 17.02
C ARG A 287 -15.08 6.87 16.67
N PRO A 288 -15.54 8.12 16.88
CA PRO A 288 -16.96 8.42 16.71
C PRO A 288 -17.42 8.33 15.26
N GLY A 289 -18.73 8.23 15.09
CA GLY A 289 -19.32 8.07 13.79
C GLY A 289 -20.83 8.19 13.86
N PRO A 290 -21.42 7.96 12.69
CA PRO A 290 -22.88 8.00 12.57
C PRO A 290 -23.57 7.07 13.54
N PHE A 291 -23.00 5.91 13.91
CA PHE A 291 -23.70 4.96 14.78
C PHE A 291 -24.02 5.62 16.14
N THR A 292 -23.16 6.55 16.57
CA THR A 292 -23.40 7.22 17.83
C THR A 292 -24.79 7.86 17.87
N TYR A 293 -25.34 8.25 16.71
CA TYR A 293 -26.67 8.82 16.56
C TYR A 293 -27.71 7.92 15.90
N GLY A 294 -27.43 6.63 15.84
CA GLY A 294 -28.42 5.69 15.34
C GLY A 294 -28.55 5.86 13.82
N ARG A 295 -27.49 6.39 13.17
CA ARG A 295 -27.52 6.53 11.72
C ARG A 295 -26.64 5.47 11.08
N ASP A 296 -26.90 5.14 9.84
CA ASP A 296 -26.05 4.14 9.16
C ASP A 296 -24.95 4.85 8.38
N HIS A 297 -24.06 4.05 7.77
CA HIS A 297 -22.89 4.70 7.15
C HIS A 297 -23.15 5.30 5.77
N ALA A 298 -24.27 4.91 5.15
CA ALA A 298 -24.64 5.63 3.93
C ALA A 298 -25.11 7.02 4.34
N GLU A 299 -25.97 7.11 5.35
CA GLU A 299 -26.37 8.48 5.76
C GLU A 299 -25.15 9.31 6.15
N GLY A 300 -24.22 8.71 6.89
CA GLY A 300 -23.03 9.42 7.38
C GLY A 300 -22.08 9.84 6.28
N ALA A 301 -21.75 8.93 5.36
CA ALA A 301 -20.86 9.24 4.23
C ALA A 301 -21.54 10.22 3.30
N ASN A 302 -22.84 10.02 3.05
CA ASN A 302 -23.49 10.89 2.04
C ASN A 302 -23.52 12.36 2.49
N MET A 303 -23.62 12.57 3.78
CA MET A 303 -23.65 13.95 4.29
C MET A 303 -22.33 14.64 3.95
N LEU A 304 -21.19 13.96 4.19
CA LEU A 304 -19.91 14.55 3.83
C LEU A 304 -19.78 14.70 2.32
N ALA A 305 -20.32 13.70 1.60
CA ALA A 305 -20.20 13.65 0.13
C ALA A 305 -20.94 14.86 -0.46
N GLU A 306 -22.09 15.19 0.13
CA GLU A 306 -22.85 16.35 -0.34
C GLU A 306 -22.11 17.64 -0.09
N ALA A 307 -21.37 17.74 1.03
CA ALA A 307 -20.57 18.94 1.28
C ALA A 307 -19.45 19.13 0.27
N LEU A 308 -18.82 18.00 -0.14
CA LEU A 308 -17.71 18.08 -1.08
C LEU A 308 -18.15 18.09 -2.55
N ALA A 309 -19.35 17.64 -2.89
CA ALA A 309 -19.75 17.47 -4.29
C ALA A 309 -19.63 18.75 -5.11
N PRO A 310 -20.05 19.91 -4.69
CA PRO A 310 -19.94 21.13 -5.54
C PRO A 310 -18.52 21.43 -5.97
N PHE A 311 -17.56 20.91 -5.20
CA PHE A 311 -16.13 21.17 -5.43
C PHE A 311 -15.40 19.99 -6.05
N GLY A 312 -16.05 18.85 -6.30
CA GLY A 312 -15.35 17.72 -6.90
C GLY A 312 -14.59 16.87 -5.92
N GLY A 313 -14.82 17.03 -4.63
CA GLY A 313 -14.11 16.21 -3.64
C GLY A 313 -14.70 14.82 -3.45
N LEU A 314 -13.85 13.95 -2.90
CA LEU A 314 -14.25 12.57 -2.64
C LEU A 314 -14.31 12.26 -1.15
N VAL A 315 -15.21 11.39 -0.75
CA VAL A 315 -15.21 10.84 0.61
C VAL A 315 -14.69 9.41 0.52
N ILE A 316 -13.56 9.17 1.15
CA ILE A 316 -12.99 7.85 1.29
C ILE A 316 -13.37 7.31 2.67
N TRP A 317 -14.31 6.38 2.64
CA TRP A 317 -14.96 5.93 3.87
C TRP A 317 -14.43 4.54 4.18
N ARG A 318 -13.70 4.44 5.29
CA ARG A 318 -13.07 3.14 5.61
C ARG A 318 -14.06 2.12 6.17
N CYS A 319 -13.90 0.91 5.68
CA CYS A 319 -14.77 -0.19 6.11
C CYS A 319 -14.22 -1.02 7.24
N PHE A 320 -13.11 -0.56 7.85
CA PHE A 320 -12.54 -1.34 8.96
C PHE A 320 -13.37 -1.04 10.21
N VAL A 321 -14.49 -1.75 10.27
CA VAL A 321 -15.53 -1.58 11.28
C VAL A 321 -15.81 -2.94 11.86
N TYR A 322 -15.83 -3.08 13.17
CA TYR A 322 -16.06 -4.37 13.81
C TYR A 322 -16.36 -4.16 15.30
N ASN A 323 -16.78 -5.24 15.95
CA ASN A 323 -17.07 -5.16 17.40
C ASN A 323 -15.80 -5.21 18.23
N CYS A 324 -15.29 -4.08 18.74
CA CYS A 324 -14.00 -4.13 19.42
C CYS A 324 -14.20 -4.37 20.90
N GLN A 325 -15.44 -4.79 21.24
CA GLN A 325 -15.79 -5.24 22.58
C GLN A 325 -16.44 -6.62 22.56
N GLN A 326 -15.87 -7.56 21.81
CA GLN A 326 -16.35 -8.92 21.62
C GLN A 326 -16.08 -9.76 22.87
N ASP A 327 -17.03 -10.61 23.21
CA ASP A 327 -16.82 -11.55 24.32
C ASP A 327 -16.10 -12.77 23.79
N TRP A 328 -14.92 -13.12 24.31
CA TRP A 328 -14.20 -14.28 23.76
C TRP A 328 -14.99 -15.58 23.93
N ARG A 329 -15.94 -15.59 24.87
CA ARG A 329 -16.71 -16.82 25.07
C ARG A 329 -17.69 -17.09 23.92
N ASP A 330 -18.00 -16.06 23.13
CA ASP A 330 -19.10 -16.17 22.17
C ASP A 330 -18.58 -16.65 20.82
N ARG A 331 -18.68 -17.95 20.53
CA ARG A 331 -18.05 -18.52 19.35
C ARG A 331 -18.91 -18.30 18.11
N THR A 332 -20.08 -17.72 18.26
CA THR A 332 -20.89 -17.44 17.07
C THR A 332 -20.62 -16.07 16.47
N THR A 333 -20.05 -15.09 17.18
CA THR A 333 -19.70 -13.79 16.71
C THR A 333 -18.34 -13.87 15.99
N ASP A 334 -18.27 -13.43 14.75
CA ASP A 334 -17.03 -13.56 13.97
C ASP A 334 -16.61 -12.20 13.46
N ARG A 335 -15.50 -11.68 14.00
CA ARG A 335 -15.02 -10.40 13.47
C ARG A 335 -14.82 -10.42 11.97
N ALA A 336 -14.42 -11.57 11.38
CA ALA A 336 -14.11 -11.59 9.94
C ALA A 336 -15.37 -11.31 9.14
N LYS A 337 -16.56 -11.53 9.66
CA LYS A 337 -17.80 -11.31 8.92
C LYS A 337 -18.25 -9.86 9.01
N ALA A 338 -17.70 -9.07 9.91
CA ALA A 338 -18.28 -7.78 10.26
C ALA A 338 -18.32 -6.81 9.09
N ALA A 339 -17.24 -6.65 8.32
CA ALA A 339 -17.28 -5.58 7.31
C ALA A 339 -18.32 -5.88 6.26
N TYR A 340 -18.40 -7.14 5.78
CA TYR A 340 -19.39 -7.49 4.79
C TYR A 340 -20.79 -7.28 5.35
N ASP A 341 -21.02 -7.77 6.56
CA ASP A 341 -22.39 -7.65 7.11
C ASP A 341 -22.80 -6.20 7.31
N HIS A 342 -21.85 -5.30 7.60
CA HIS A 342 -22.22 -3.89 7.76
C HIS A 342 -22.45 -3.23 6.40
N PHE A 343 -21.60 -3.53 5.41
CA PHE A 343 -21.65 -2.71 4.20
C PHE A 343 -22.38 -3.33 3.03
N LYS A 344 -22.36 -4.67 2.87
CA LYS A 344 -23.07 -5.21 1.72
C LYS A 344 -24.53 -4.78 1.69
N PRO A 345 -25.31 -4.76 2.76
CA PRO A 345 -26.71 -4.28 2.66
C PRO A 345 -26.89 -2.83 2.26
N LEU A 346 -25.81 -2.07 2.25
CA LEU A 346 -25.92 -0.64 1.85
C LEU A 346 -25.60 -0.42 0.38
N ASP A 347 -25.32 -1.48 -0.36
CA ASP A 347 -25.04 -1.27 -1.79
C ASP A 347 -26.18 -0.54 -2.49
N GLY A 348 -25.80 0.50 -3.22
CA GLY A 348 -26.78 1.29 -3.95
C GLY A 348 -27.25 2.50 -3.17
N GLN A 349 -26.76 2.69 -1.94
CA GLN A 349 -27.29 3.78 -1.13
C GLN A 349 -26.30 4.95 -1.01
N PHE A 350 -25.11 4.79 -1.57
CA PHE A 350 -24.08 5.82 -1.43
C PHE A 350 -24.07 6.82 -2.58
N ARG A 351 -23.74 8.07 -2.28
CA ARG A 351 -23.48 9.08 -3.29
C ARG A 351 -22.26 8.68 -4.14
N GLU A 352 -22.20 9.16 -5.39
CA GLU A 352 -21.26 8.69 -6.40
C GLU A 352 -19.82 9.12 -6.08
N ASN A 353 -19.64 10.15 -5.24
CA ASN A 353 -18.31 10.54 -4.81
C ASN A 353 -17.91 9.94 -3.46
N VAL A 354 -18.59 8.88 -3.01
CA VAL A 354 -18.13 8.05 -1.89
C VAL A 354 -17.39 6.86 -2.46
N ILE A 355 -16.22 6.57 -1.88
CA ILE A 355 -15.52 5.32 -2.18
C ILE A 355 -15.35 4.57 -0.87
N LEU A 356 -15.78 3.31 -0.84
CA LEU A 356 -15.52 2.49 0.35
C LEU A 356 -14.11 1.90 0.28
N GLN A 357 -13.31 2.14 1.29
CA GLN A 357 -11.93 1.69 1.30
C GLN A 357 -11.82 0.48 2.25
N ILE A 358 -11.42 -0.64 1.68
CA ILE A 358 -11.52 -1.96 2.32
C ILE A 358 -10.15 -2.56 2.42
N LYS A 359 -9.77 -3.06 3.59
CA LYS A 359 -8.45 -3.68 3.71
C LYS A 359 -8.37 -4.96 2.87
N ASN A 360 -7.13 -5.38 2.56
CA ASN A 360 -7.01 -6.58 1.69
C ASN A 360 -7.73 -7.78 2.30
N GLY A 361 -7.71 -7.90 3.63
CA GLY A 361 -8.37 -9.04 4.31
C GLY A 361 -9.37 -8.54 5.33
N PRO A 362 -10.20 -9.45 5.81
CA PRO A 362 -11.31 -9.06 6.69
C PRO A 362 -10.93 -8.89 8.15
N MET A 363 -9.71 -9.17 8.54
CA MET A 363 -9.35 -9.05 9.96
C MET A 363 -8.48 -7.81 10.09
N ASP A 364 -7.15 -7.87 9.98
CA ASP A 364 -6.35 -6.66 10.19
C ASP A 364 -4.90 -6.84 9.75
N PHE A 365 -4.62 -6.82 8.49
CA PHE A 365 -3.26 -6.81 7.94
C PHE A 365 -2.33 -7.87 8.51
N GLN A 366 -2.86 -9.07 8.76
CA GLN A 366 -2.01 -10.17 9.21
C GLN A 366 -1.10 -10.67 8.10
N VAL A 367 -0.08 -11.47 8.51
CA VAL A 367 0.89 -11.97 7.53
C VAL A 367 0.21 -12.73 6.39
N ARG A 368 -0.89 -13.42 6.67
CA ARG A 368 -1.72 -13.99 5.63
C ARG A 368 -3.19 -13.84 6.10
N GLU A 369 -4.04 -13.35 5.22
CA GLU A 369 -5.46 -13.39 5.43
C GLU A 369 -6.13 -13.73 4.11
N PRO A 370 -7.30 -14.35 4.11
CA PRO A 370 -7.98 -14.49 2.82
C PRO A 370 -8.49 -13.12 2.41
N VAL A 371 -8.97 -13.04 1.17
CA VAL A 371 -9.39 -11.74 0.64
C VAL A 371 -10.70 -11.28 1.22
N SER A 372 -10.84 -9.99 1.54
CA SER A 372 -12.11 -9.47 2.05
C SER A 372 -13.29 -9.80 1.13
N PRO A 373 -14.33 -10.44 1.62
CA PRO A 373 -15.50 -10.74 0.78
C PRO A 373 -16.20 -9.53 0.19
N LEU A 374 -15.97 -8.34 0.76
CA LEU A 374 -16.65 -7.17 0.17
C LEU A 374 -16.23 -6.94 -1.28
N PHE A 375 -15.01 -7.30 -1.66
CA PHE A 375 -14.63 -7.06 -3.06
C PHE A 375 -15.44 -7.97 -3.98
N GLY A 376 -16.15 -7.39 -4.95
CA GLY A 376 -17.00 -8.10 -5.86
C GLY A 376 -18.44 -8.14 -5.36
N ALA A 377 -18.68 -7.78 -4.09
CA ALA A 377 -20.04 -7.91 -3.54
C ALA A 377 -20.91 -6.65 -3.64
N MET A 378 -20.36 -5.54 -4.13
CA MET A 378 -21.12 -4.30 -4.17
C MET A 378 -21.04 -3.64 -5.54
N PRO A 379 -21.76 -4.19 -6.52
CA PRO A 379 -21.66 -3.65 -7.88
C PRO A 379 -22.09 -2.19 -8.04
N LYS A 380 -22.88 -1.66 -7.09
CA LYS A 380 -23.34 -0.27 -7.20
C LYS A 380 -22.58 0.70 -6.32
N THR A 381 -21.48 0.30 -5.70
CA THR A 381 -20.71 1.19 -4.83
C THR A 381 -19.22 1.15 -5.14
N ASN A 382 -18.64 2.33 -5.38
CA ASN A 382 -17.20 2.40 -5.60
C ASN A 382 -16.42 1.75 -4.46
N GLN A 383 -15.37 1.00 -4.85
CA GLN A 383 -14.51 0.41 -3.82
C GLN A 383 -13.05 0.67 -4.14
N MET A 384 -12.24 0.78 -3.09
CA MET A 384 -10.78 0.79 -3.29
C MET A 384 -10.18 -0.10 -2.18
N MET A 385 -9.03 -0.69 -2.47
CA MET A 385 -8.40 -1.56 -1.49
C MET A 385 -7.35 -0.80 -0.70
N GLU A 386 -7.21 -1.06 0.59
CA GLU A 386 -6.18 -0.54 1.45
C GLU A 386 -5.21 -1.68 1.79
N VAL A 387 -3.94 -1.44 1.54
CA VAL A 387 -2.87 -2.34 2.00
C VAL A 387 -1.97 -1.62 2.99
N GLN A 388 -1.17 -2.39 3.74
CA GLN A 388 -0.36 -1.73 4.79
C GLN A 388 1.12 -1.86 4.41
N ILE A 389 1.72 -0.76 3.95
CA ILE A 389 3.16 -0.82 3.58
C ILE A 389 4.01 -0.85 4.83
N THR A 390 3.64 -0.08 5.88
CA THR A 390 4.29 -0.22 7.18
C THR A 390 4.02 -1.62 7.74
N GLN A 391 5.10 -2.24 8.26
CA GLN A 391 5.01 -3.69 8.48
C GLN A 391 4.51 -3.99 9.89
N GLU A 392 3.30 -3.54 10.25
CA GLU A 392 2.84 -3.73 11.63
C GLU A 392 2.89 -5.18 12.12
N TYR A 393 2.35 -6.10 11.30
CA TYR A 393 2.34 -7.51 11.69
C TYR A 393 3.30 -8.32 10.84
N THR A 394 4.06 -7.64 10.00
CA THR A 394 4.96 -8.31 9.05
C THR A 394 6.41 -7.92 9.31
N GLY A 395 6.76 -7.68 10.58
CA GLY A 395 8.15 -7.62 11.00
C GLY A 395 8.65 -6.23 11.34
N GLN A 396 7.84 -5.20 11.19
CA GLN A 396 8.14 -3.83 11.63
C GLN A 396 9.45 -3.29 11.12
N GLN A 397 9.80 -3.73 9.90
CA GLN A 397 11.05 -3.29 9.24
C GLN A 397 12.31 -3.68 10.02
N LYS A 398 12.17 -4.56 11.01
CA LYS A 398 13.33 -5.28 11.57
C LYS A 398 13.56 -6.56 10.76
N HIS A 399 12.49 -7.30 10.50
CA HIS A 399 12.53 -8.44 9.58
C HIS A 399 12.30 -7.95 8.17
N LEU A 400 13.00 -8.56 7.18
CA LEU A 400 12.70 -8.26 5.78
C LEU A 400 11.36 -8.83 5.40
N CYS A 401 10.52 -8.06 4.72
CA CYS A 401 9.27 -8.66 4.22
C CYS A 401 8.80 -7.85 3.02
N PHE A 402 9.17 -8.29 1.82
CA PHE A 402 8.71 -7.67 0.57
C PHE A 402 7.29 -8.11 0.34
N LEU A 403 6.36 -7.14 0.36
CA LEU A 403 4.94 -7.43 0.43
C LEU A 403 4.32 -7.60 -0.96
N ILE A 404 5.10 -7.36 -2.02
CA ILE A 404 4.53 -7.35 -3.38
C ILE A 404 3.98 -8.71 -3.73
N PRO A 405 4.61 -9.85 -3.47
CA PRO A 405 3.96 -11.13 -3.76
C PRO A 405 2.63 -11.30 -3.07
N GLN A 406 2.48 -10.94 -1.80
CA GLN A 406 1.17 -11.03 -1.12
C GLN A 406 0.14 -10.18 -1.81
N TRP A 407 0.52 -8.93 -2.12
CA TRP A 407 -0.48 -8.06 -2.76
C TRP A 407 -0.90 -8.61 -4.10
N LYS A 408 0.03 -9.22 -4.86
CA LYS A 408 -0.44 -9.83 -6.11
C LYS A 408 -1.39 -11.01 -5.90
N GLU A 409 -1.14 -11.80 -4.82
CA GLU A 409 -2.12 -12.88 -4.57
C GLU A 409 -3.52 -12.31 -4.35
N VAL A 410 -3.58 -11.18 -3.63
CA VAL A 410 -4.90 -10.57 -3.38
C VAL A 410 -5.47 -10.02 -4.67
N LEU A 411 -4.65 -9.26 -5.41
CA LEU A 411 -5.11 -8.63 -6.64
C LEU A 411 -5.56 -9.65 -7.68
N ASP A 412 -4.91 -10.82 -7.74
CA ASP A 412 -5.22 -11.82 -8.73
C ASP A 412 -6.28 -12.82 -8.26
N PHE A 413 -6.76 -12.69 -7.01
CA PHE A 413 -7.81 -13.57 -6.53
C PHE A 413 -9.09 -13.40 -7.34
N ASP A 414 -9.61 -14.49 -7.90
CA ASP A 414 -10.83 -14.37 -8.69
C ASP A 414 -12.02 -14.47 -7.76
N THR A 415 -12.80 -13.41 -7.64
CA THR A 415 -13.99 -13.43 -6.81
C THR A 415 -15.14 -14.21 -7.46
N TYR A 416 -15.08 -14.42 -8.78
CA TYR A 416 -16.16 -15.02 -9.54
C TYR A 416 -17.46 -14.19 -9.46
N ALA A 417 -17.37 -12.92 -9.10
CA ALA A 417 -18.61 -12.13 -8.95
C ALA A 417 -19.43 -12.08 -10.26
N LYS A 418 -18.72 -12.02 -11.40
CA LYS A 418 -19.44 -12.07 -12.69
C LYS A 418 -18.95 -13.28 -13.44
N GLY A 419 -18.72 -14.36 -12.67
CA GLY A 419 -18.08 -15.55 -13.23
C GLY A 419 -16.57 -15.40 -13.32
N LYS A 420 -15.96 -16.40 -13.97
CA LYS A 420 -14.52 -16.44 -14.10
C LYS A 420 -14.00 -15.17 -14.76
N GLY A 421 -12.90 -14.65 -14.21
CA GLY A 421 -12.26 -13.44 -14.63
C GLY A 421 -12.77 -12.23 -13.88
N SER A 422 -13.21 -12.41 -12.64
CA SER A 422 -13.62 -11.31 -11.78
C SER A 422 -12.61 -11.04 -10.66
N GLU A 423 -11.36 -10.88 -11.06
CA GLU A 423 -10.29 -10.68 -10.10
C GLU A 423 -10.47 -9.38 -9.31
N VAL A 424 -9.93 -9.41 -8.09
CA VAL A 424 -9.98 -8.23 -7.25
C VAL A 424 -9.46 -7.00 -8.00
N LYS A 425 -8.38 -7.19 -8.77
CA LYS A 425 -7.83 -6.02 -9.47
C LYS A 425 -8.84 -5.42 -10.45
N LYS A 426 -9.73 -6.19 -11.03
CA LYS A 426 -10.78 -5.68 -11.91
C LYS A 426 -11.91 -5.02 -11.14
N VAL A 427 -12.12 -5.44 -9.88
CA VAL A 427 -13.07 -4.75 -9.04
C VAL A 427 -12.56 -3.34 -8.76
N ILE A 428 -11.34 -3.21 -8.23
CA ILE A 428 -10.85 -1.92 -7.70
C ILE A 428 -10.32 -1.06 -8.85
N ASP A 429 -10.04 -1.63 -10.05
CA ASP A 429 -9.69 -0.69 -11.14
C ASP A 429 -10.94 -0.12 -11.80
N GLY A 430 -12.12 -0.56 -11.36
CA GLY A 430 -13.37 0.00 -11.85
C GLY A 430 -13.92 -0.65 -13.09
N SER A 431 -13.19 -1.56 -13.73
CA SER A 431 -13.62 -2.13 -15.02
C SER A 431 -14.74 -3.14 -14.87
N LEU A 432 -14.75 -3.94 -13.80
CA LEU A 432 -15.79 -4.97 -13.70
C LEU A 432 -17.20 -4.40 -13.57
N PHE A 433 -17.35 -3.33 -12.78
CA PHE A 433 -18.64 -2.75 -12.43
C PHE A 433 -18.80 -1.32 -12.92
N ASP A 434 -17.81 -0.79 -13.66
CA ASP A 434 -17.87 0.58 -14.17
C ASP A 434 -17.92 1.60 -13.05
N TYR A 435 -17.02 1.47 -12.09
CA TYR A 435 -16.94 2.47 -11.01
C TYR A 435 -16.37 3.78 -11.51
N ARG A 436 -16.96 4.93 -11.17
CA ARG A 436 -16.36 6.20 -11.59
C ARG A 436 -15.09 6.53 -10.83
N TYR A 437 -15.06 6.16 -9.53
CA TYR A 437 -13.87 6.43 -8.75
C TYR A 437 -13.48 5.13 -8.04
N SER A 438 -12.24 4.70 -8.17
CA SER A 438 -11.82 3.48 -7.47
C SER A 438 -10.29 3.36 -7.56
N GLY A 439 -9.76 2.39 -6.82
CA GLY A 439 -8.29 2.21 -6.95
C GLY A 439 -7.72 1.56 -5.69
N ILE A 440 -6.59 2.08 -5.24
CA ILE A 440 -5.87 1.39 -4.18
C ILE A 440 -5.13 2.41 -3.31
N ALA A 441 -4.99 2.11 -2.03
CA ALA A 441 -4.29 2.99 -1.11
C ALA A 441 -3.32 2.16 -0.25
N GLY A 442 -2.20 2.75 0.13
CA GLY A 442 -1.25 2.00 0.96
C GLY A 442 -0.86 2.85 2.17
N VAL A 443 -0.83 2.23 3.34
CA VAL A 443 -0.41 2.92 4.55
C VAL A 443 1.09 3.09 4.55
N SER A 444 1.54 4.35 4.57
CA SER A 444 2.94 4.68 4.39
C SER A 444 3.90 4.00 5.35
N ASN A 445 5.05 3.54 4.82
CA ASN A 445 6.12 3.02 5.66
C ASN A 445 7.24 4.02 5.86
N ILE A 446 7.03 5.33 5.65
CA ILE A 446 8.20 6.20 5.77
C ILE A 446 8.18 6.98 7.09
N GLY A 447 9.34 7.55 7.36
CA GLY A 447 9.53 8.44 8.50
C GLY A 447 10.89 9.11 8.33
N SER A 448 11.32 9.77 9.41
CA SER A 448 12.45 10.70 9.28
C SER A 448 13.81 9.99 9.22
N ASP A 449 13.84 8.66 9.39
CA ASP A 449 15.14 8.01 9.24
C ASP A 449 15.83 8.40 7.92
N PRO A 450 17.12 8.55 7.92
CA PRO A 450 17.80 8.90 6.63
C PRO A 450 17.50 7.90 5.51
N ASN A 451 17.26 6.62 5.80
CA ASN A 451 16.92 5.73 4.69
C ASN A 451 15.41 5.63 4.44
N TRP A 452 14.63 6.55 5.04
CA TRP A 452 13.20 6.71 4.85
C TRP A 452 12.33 5.61 5.42
N THR A 453 12.76 4.33 5.31
CA THR A 453 11.83 3.25 5.62
C THR A 453 12.33 2.40 6.78
N GLY A 454 13.37 2.79 7.46
CA GLY A 454 13.82 2.01 8.64
C GLY A 454 14.78 0.92 8.17
N HIS A 455 14.28 -0.07 7.46
CA HIS A 455 15.06 -1.10 6.79
C HIS A 455 15.37 -0.58 5.38
N THR A 456 16.61 -0.57 4.96
CA THR A 456 16.89 -0.05 3.59
C THR A 456 16.09 -0.83 2.56
N LEU A 457 15.98 -2.17 2.78
CA LEU A 457 15.31 -2.95 1.72
C LEU A 457 13.81 -2.75 1.74
N ALA A 458 13.22 -2.15 2.77
CA ALA A 458 11.78 -1.83 2.76
C ALA A 458 11.48 -0.68 1.81
N GLN A 459 12.48 0.02 1.27
CA GLN A 459 12.22 0.99 0.20
C GLN A 459 11.53 0.26 -0.95
N ALA A 460 11.82 -1.03 -1.14
CA ALA A 460 11.24 -1.82 -2.23
C ALA A 460 9.73 -1.94 -2.07
N ASN A 461 9.23 -1.83 -0.83
CA ASN A 461 7.76 -1.97 -0.63
C ASN A 461 7.03 -0.71 -1.06
N LEU A 462 7.66 0.45 -0.86
CA LEU A 462 7.02 1.70 -1.32
C LEU A 462 7.06 1.75 -2.85
N TYR A 463 8.23 1.45 -3.40
CA TYR A 463 8.41 1.37 -4.85
C TYR A 463 7.38 0.44 -5.46
N GLY A 464 7.32 -0.79 -4.94
CA GLY A 464 6.48 -1.82 -5.53
C GLY A 464 5.01 -1.53 -5.36
N PHE A 465 4.63 -0.87 -4.25
CA PHE A 465 3.23 -0.43 -4.10
C PHE A 465 2.84 0.43 -5.30
N GLY A 466 3.67 1.44 -5.60
CA GLY A 466 3.34 2.36 -6.71
C GLY A 466 3.32 1.63 -8.04
N ARG A 467 4.27 0.72 -8.27
CA ARG A 467 4.25 -0.05 -9.51
C ARG A 467 2.99 -0.88 -9.65
N LEU A 468 2.61 -1.63 -8.60
CA LEU A 468 1.35 -2.40 -8.68
C LEU A 468 0.13 -1.49 -8.83
N ALA A 469 0.14 -0.33 -8.14
CA ALA A 469 -1.04 0.55 -8.28
C ALA A 469 -1.17 1.05 -9.73
N TRP A 470 -0.01 1.28 -10.39
CA TRP A 470 -0.04 1.66 -11.81
C TRP A 470 -0.50 0.51 -12.69
N ASN A 471 0.06 -0.68 -12.48
CA ASN A 471 -0.27 -1.86 -13.28
C ASN A 471 -0.15 -3.14 -12.46
N PRO A 472 -1.28 -3.59 -11.90
CA PRO A 472 -1.28 -4.83 -11.11
C PRO A 472 -0.78 -6.06 -11.84
N ASP A 473 -0.69 -6.01 -13.18
CA ASP A 473 -0.22 -7.20 -13.89
C ASP A 473 1.29 -7.34 -13.95
N LEU A 474 2.05 -6.34 -13.50
CA LEU A 474 3.50 -6.46 -13.42
C LEU A 474 3.87 -7.60 -12.50
N SER A 475 4.92 -8.34 -12.89
CA SER A 475 5.32 -9.44 -12.03
C SER A 475 6.14 -8.94 -10.84
N ALA A 476 6.12 -9.72 -9.76
CA ALA A 476 6.95 -9.41 -8.61
C ALA A 476 8.43 -9.42 -8.98
N GLU A 477 8.78 -10.35 -9.88
CA GLU A 477 10.14 -10.50 -10.36
C GLU A 477 10.62 -9.23 -11.05
N GLU A 478 9.76 -8.69 -11.95
CA GLU A 478 10.25 -7.51 -12.69
C GLU A 478 10.26 -6.29 -11.80
N ILE A 479 9.31 -6.18 -10.86
CA ILE A 479 9.38 -5.04 -9.92
C ILE A 479 10.64 -5.09 -9.05
N ALA A 480 10.93 -6.29 -8.50
CA ALA A 480 12.16 -6.44 -7.72
C ALA A 480 13.39 -6.12 -8.57
N ASN A 481 13.40 -6.60 -9.83
CA ASN A 481 14.55 -6.33 -10.70
C ASN A 481 14.74 -4.82 -10.92
N GLU A 482 13.63 -4.12 -11.23
CA GLU A 482 13.70 -2.67 -11.44
C GLU A 482 14.25 -1.97 -10.19
N TRP A 483 13.71 -2.38 -9.02
CA TRP A 483 14.09 -1.71 -7.79
C TRP A 483 15.54 -1.96 -7.45
N VAL A 484 15.97 -3.23 -7.55
CA VAL A 484 17.35 -3.52 -7.18
C VAL A 484 18.35 -2.83 -8.11
N VAL A 485 18.07 -2.90 -9.44
CA VAL A 485 19.03 -2.28 -10.36
C VAL A 485 19.14 -0.80 -10.08
N GLN A 486 18.01 -0.14 -9.86
CA GLN A 486 18.09 1.32 -9.66
C GLN A 486 18.75 1.67 -8.35
N THR A 487 18.56 0.84 -7.33
CA THR A 487 19.03 1.18 -5.98
C THR A 487 20.45 0.68 -5.70
N PHE A 488 20.83 -0.45 -6.29
CA PHE A 488 22.12 -1.10 -5.99
C PHE A 488 22.95 -1.35 -7.24
N GLY A 489 22.44 -1.08 -8.43
CA GLY A 489 23.26 -1.26 -9.61
C GLY A 489 23.05 -2.57 -10.32
N ASP A 490 23.83 -2.78 -11.39
CA ASP A 490 23.52 -3.94 -12.26
C ASP A 490 24.52 -5.07 -12.19
N ASP A 491 25.31 -5.15 -11.12
CA ASP A 491 26.15 -6.37 -11.00
C ASP A 491 25.24 -7.59 -10.90
N SER A 492 25.47 -8.61 -11.72
CA SER A 492 24.49 -9.70 -11.77
C SER A 492 24.39 -10.50 -10.47
N GLN A 493 25.46 -10.53 -9.70
CA GLN A 493 25.36 -11.24 -8.43
C GLN A 493 24.50 -10.45 -7.45
N VAL A 494 24.68 -9.13 -7.41
CA VAL A 494 23.90 -8.24 -6.55
C VAL A 494 22.44 -8.29 -6.93
N VAL A 495 22.14 -8.21 -8.23
CA VAL A 495 20.75 -8.25 -8.68
C VAL A 495 20.12 -9.60 -8.36
N GLU A 496 20.76 -10.73 -8.63
CA GLU A 496 20.13 -12.02 -8.39
C GLU A 496 19.96 -12.21 -6.87
N THR A 497 20.98 -11.81 -6.11
CA THR A 497 20.91 -12.07 -4.67
C THR A 497 19.82 -11.26 -3.98
N ILE A 498 19.83 -9.94 -4.22
CA ILE A 498 18.81 -9.11 -3.52
C ILE A 498 17.44 -9.46 -4.05
N SER A 499 17.24 -9.73 -5.33
CA SER A 499 15.93 -10.17 -5.85
C SER A 499 15.49 -11.46 -5.17
N TRP A 500 16.41 -12.41 -5.01
CA TRP A 500 16.06 -13.62 -4.29
C TRP A 500 15.63 -13.36 -2.84
N MET A 501 16.39 -12.50 -2.17
CA MET A 501 16.07 -12.13 -0.79
C MET A 501 14.68 -11.55 -0.72
N LEU A 502 14.42 -10.59 -1.60
CA LEU A 502 13.08 -9.96 -1.59
C LEU A 502 11.98 -10.96 -1.84
N LEU A 503 12.18 -11.75 -2.89
CA LEU A 503 11.05 -12.60 -3.32
C LEU A 503 10.77 -13.71 -2.33
N SER A 504 11.78 -14.10 -1.54
CA SER A 504 11.59 -15.19 -0.60
C SER A 504 11.15 -14.72 0.76
N SER A 505 11.31 -13.42 1.04
CA SER A 505 11.24 -12.93 2.44
C SER A 505 9.88 -13.08 3.08
N TRP A 506 8.77 -12.84 2.38
CA TRP A 506 7.47 -12.96 3.06
C TRP A 506 7.21 -14.39 3.53
N ARG A 507 7.50 -15.37 2.66
CA ARG A 507 7.29 -16.77 3.04
C ARG A 507 8.18 -17.16 4.21
N ILE A 508 9.41 -16.67 4.25
CA ILE A 508 10.28 -16.94 5.37
C ILE A 508 9.71 -16.41 6.70
N TYR A 509 9.24 -15.15 6.67
CA TYR A 509 8.64 -14.56 7.88
C TYR A 509 7.39 -15.31 8.26
N GLU A 510 6.54 -15.64 7.29
CA GLU A 510 5.35 -16.43 7.63
C GLU A 510 5.72 -17.76 8.29
N ASN A 511 6.78 -18.42 7.76
CA ASN A 511 7.15 -19.72 8.25
C ASN A 511 7.40 -19.71 9.77
N TYR A 512 8.02 -18.66 10.33
CA TYR A 512 8.26 -18.72 11.76
C TYR A 512 7.26 -17.88 12.56
N THR A 513 6.19 -17.39 11.93
CA THR A 513 5.19 -16.68 12.74
C THR A 513 3.91 -17.50 12.84
N SER A 514 2.72 -16.91 12.67
CA SER A 514 1.50 -17.72 12.90
C SER A 514 1.27 -18.73 11.75
N PRO A 515 0.86 -19.95 12.08
CA PRO A 515 0.68 -20.99 11.09
C PRO A 515 -0.66 -21.03 10.38
N LEU A 516 -0.59 -21.40 9.09
CA LEU A 516 -1.75 -21.89 8.33
C LEU A 516 -2.90 -20.89 8.34
N GLY A 517 -2.53 -19.61 8.33
CA GLY A 517 -3.53 -18.58 8.09
C GLY A 517 -4.26 -18.11 9.34
N VAL A 518 -3.94 -18.67 10.51
CA VAL A 518 -4.78 -18.32 11.68
C VAL A 518 -4.47 -16.89 12.17
N GLY A 519 -3.32 -16.31 11.86
CA GLY A 519 -3.03 -14.94 12.25
C GLY A 519 -2.59 -14.76 13.70
N TRP A 520 -2.19 -13.53 14.00
CA TRP A 520 -2.03 -13.03 15.36
C TRP A 520 -0.87 -13.79 16.02
N MET A 521 -1.03 -14.29 17.23
CA MET A 521 0.07 -14.85 18.01
C MET A 521 1.17 -13.82 18.24
N VAL A 522 0.77 -12.53 18.30
CA VAL A 522 1.68 -11.47 18.57
C VAL A 522 1.50 -10.86 19.97
N ASN A 523 2.57 -10.23 20.49
CA ASN A 523 2.46 -9.44 21.71
C ASN A 523 1.43 -8.35 21.57
N PRO A 524 0.58 -8.18 22.61
CA PRO A 524 -0.37 -7.08 22.58
C PRO A 524 0.31 -5.72 22.65
N GLY A 525 -0.42 -4.68 22.25
CA GLY A 525 0.11 -3.31 22.33
C GLY A 525 0.91 -3.01 21.07
N HIS A 526 2.21 -3.31 21.14
CA HIS A 526 3.09 -2.92 20.07
C HIS A 526 3.06 -3.95 18.92
N HIS A 527 2.54 -5.14 19.13
CA HIS A 527 2.28 -6.15 18.07
C HIS A 527 3.53 -6.77 17.48
N TYR A 528 4.66 -6.65 18.16
CA TYR A 528 5.92 -7.18 17.69
C TYR A 528 6.33 -8.41 18.49
N GLY A 529 6.54 -9.53 17.81
CA GLY A 529 7.13 -10.71 18.44
C GLY A 529 6.07 -11.67 18.99
N PRO A 530 6.53 -12.89 19.31
CA PRO A 530 5.62 -14.00 19.58
C PRO A 530 4.96 -13.96 20.94
N ASN A 531 3.67 -14.28 20.93
CA ASN A 531 2.90 -14.41 22.15
C ASN A 531 1.66 -15.18 21.73
N VAL A 532 1.68 -16.49 21.79
CA VAL A 532 0.60 -17.25 21.16
C VAL A 532 -0.73 -16.88 21.80
N ASP A 533 -0.83 -16.72 23.12
CA ASP A 533 -2.13 -16.36 23.69
C ASP A 533 -2.30 -14.85 23.89
N GLY A 534 -1.48 -14.04 23.20
CA GLY A 534 -1.46 -12.59 23.42
C GLY A 534 -2.83 -11.92 23.49
N TYR A 535 -3.67 -12.26 22.49
CA TYR A 535 -5.04 -11.71 22.49
C TYR A 535 -6.11 -12.79 22.63
N GLU A 536 -5.72 -13.99 23.10
CA GLU A 536 -6.62 -15.14 23.05
C GLU A 536 -7.81 -15.02 24.00
N TYR A 537 -7.71 -14.22 25.06
CA TYR A 537 -8.86 -14.02 25.96
C TYR A 537 -9.22 -12.54 26.00
N SER A 538 -8.89 -11.85 24.89
CA SER A 538 -9.18 -10.42 24.84
C SER A 538 -10.51 -10.16 24.13
N HIS A 539 -10.80 -8.86 23.89
CA HIS A 539 -12.10 -8.44 23.39
C HIS A 539 -12.03 -7.99 21.94
N TRP A 540 -10.99 -8.39 21.21
CA TRP A 540 -10.80 -7.87 19.84
C TRP A 540 -11.22 -8.89 18.79
N GLY A 541 -11.72 -10.08 19.15
CA GLY A 541 -12.21 -11.02 18.14
C GLY A 541 -11.17 -11.81 17.41
N THR A 542 -9.99 -11.98 18.03
CA THR A 542 -8.82 -12.54 17.34
C THR A 542 -8.37 -13.77 18.11
N TYR A 543 -9.05 -14.89 17.83
CA TYR A 543 -8.84 -16.10 18.61
C TYR A 543 -8.39 -17.25 17.69
N HIS A 544 -7.57 -18.15 18.24
CA HIS A 544 -7.14 -19.35 17.50
C HIS A 544 -7.74 -20.61 18.14
N TYR A 545 -8.24 -20.55 19.35
CA TYR A 545 -8.93 -21.64 20.03
C TYR A 545 -8.05 -22.87 20.23
N ALA A 546 -6.72 -22.67 20.32
CA ALA A 546 -5.86 -23.82 20.55
C ALA A 546 -6.18 -24.48 21.89
N ASP A 547 -6.28 -25.81 21.83
CA ASP A 547 -6.41 -26.57 23.07
C ASP A 547 -5.51 -27.80 22.98
N ARG A 548 -5.65 -28.73 23.89
CA ARG A 548 -4.68 -29.85 23.90
C ARG A 548 -4.88 -30.82 22.75
N ASP A 549 -6.00 -30.67 22.03
CA ASP A 549 -6.29 -31.60 20.91
C ASP A 549 -6.17 -30.97 19.53
N GLY A 550 -6.34 -29.66 19.42
CA GLY A 550 -6.27 -29.08 18.06
C GLY A 550 -6.41 -27.57 18.13
N ILE A 551 -6.66 -26.96 16.97
CA ILE A 551 -6.54 -25.52 16.81
C ILE A 551 -7.33 -25.05 15.60
N GLY A 552 -7.72 -23.79 15.59
CA GLY A 552 -8.31 -23.23 14.38
C GLY A 552 -9.66 -22.63 14.60
N VAL A 553 -10.03 -21.70 13.66
CA VAL A 553 -11.38 -21.09 13.78
C VAL A 553 -12.36 -21.81 12.86
N ASP A 554 -13.47 -22.33 13.37
CA ASP A 554 -14.46 -22.96 12.48
C ASP A 554 -15.33 -21.87 11.84
N ARG A 555 -15.03 -21.56 10.58
CA ARG A 555 -15.75 -20.51 9.82
C ARG A 555 -16.67 -21.12 8.80
N THR A 556 -16.91 -22.45 8.89
CA THR A 556 -17.82 -23.10 7.94
C THR A 556 -19.27 -22.74 8.18
N VAL A 557 -20.08 -22.89 7.14
CA VAL A 557 -21.52 -22.82 7.29
C VAL A 557 -22.04 -24.07 8.01
N ALA A 558 -21.44 -25.25 7.72
CA ALA A 558 -21.99 -26.47 8.28
C ALA A 558 -21.95 -26.47 9.80
N THR A 559 -20.83 -26.02 10.37
CA THR A 559 -20.72 -26.15 11.82
C THR A 559 -20.19 -24.91 12.51
N GLY A 560 -19.80 -23.90 11.72
CA GLY A 560 -19.12 -22.74 12.30
C GLY A 560 -19.88 -21.44 12.10
N THR A 561 -19.06 -20.38 11.93
CA THR A 561 -19.61 -19.02 11.94
C THR A 561 -20.29 -18.70 10.61
N GLY A 562 -20.12 -19.51 9.58
CA GLY A 562 -20.75 -19.26 8.30
C GLY A 562 -20.09 -18.17 7.45
N TYR A 563 -18.87 -17.75 7.79
CA TYR A 563 -18.11 -16.75 7.02
C TYR A 563 -17.89 -17.22 5.59
N THR A 564 -17.76 -18.54 5.35
CA THR A 564 -17.45 -18.95 3.97
C THR A 564 -18.55 -18.50 3.02
N ALA A 565 -19.79 -18.36 3.46
CA ALA A 565 -20.92 -17.99 2.63
C ALA A 565 -20.84 -16.56 2.11
N GLN A 566 -19.90 -15.77 2.64
CA GLN A 566 -19.71 -14.41 2.12
C GLN A 566 -19.01 -14.39 0.77
N TYR A 567 -18.29 -15.45 0.39
CA TYR A 567 -17.70 -15.62 -0.92
C TYR A 567 -18.75 -16.08 -1.94
N PHE A 568 -18.45 -15.85 -3.21
CA PHE A 568 -19.26 -16.46 -4.27
C PHE A 568 -19.11 -17.98 -4.24
N PRO A 569 -20.05 -18.74 -4.79
CA PRO A 569 -20.07 -20.17 -4.58
C PRO A 569 -18.77 -20.92 -4.84
N GLU A 570 -18.00 -20.58 -5.88
CA GLU A 570 -16.80 -21.38 -6.17
C GLU A 570 -15.79 -21.27 -5.03
N ASN A 571 -15.57 -20.06 -4.51
CA ASN A 571 -14.64 -19.90 -3.39
C ASN A 571 -15.25 -20.40 -2.10
N ALA A 572 -16.56 -20.16 -1.88
CA ALA A 572 -17.19 -20.63 -0.65
C ALA A 572 -17.03 -22.14 -0.53
N ALA A 573 -17.26 -22.87 -1.63
CA ALA A 573 -17.11 -24.34 -1.56
C ALA A 573 -15.69 -24.78 -1.28
N MET A 574 -14.73 -24.09 -1.90
CA MET A 574 -13.33 -24.44 -1.72
C MET A 574 -12.94 -24.35 -0.24
N TYR A 575 -13.37 -23.25 0.41
CA TYR A 575 -12.97 -23.02 1.81
C TYR A 575 -13.82 -23.86 2.76
N GLU A 576 -15.08 -24.14 2.38
CA GLU A 576 -16.01 -24.84 3.24
C GLU A 576 -15.57 -26.27 3.52
N SER A 577 -14.97 -26.91 2.53
CA SER A 577 -14.62 -28.33 2.68
C SER A 577 -13.25 -28.49 3.33
N LEU A 578 -13.21 -29.36 4.33
CA LEU A 578 -11.91 -29.61 4.96
C LEU A 578 -10.90 -30.15 3.98
N ASP A 579 -11.35 -30.94 3.00
CA ASP A 579 -10.42 -31.60 2.10
C ASP A 579 -9.90 -30.69 0.99
N THR A 580 -10.63 -29.66 0.60
CA THR A 580 -10.16 -28.79 -0.47
C THR A 580 -9.64 -27.46 0.05
N CYS A 581 -9.87 -27.12 1.32
CA CYS A 581 -9.37 -25.82 1.79
C CYS A 581 -7.85 -25.80 1.67
N PRO A 582 -7.29 -24.79 1.04
CA PRO A 582 -5.83 -24.71 0.91
C PRO A 582 -5.15 -24.73 2.26
N ASP A 583 -4.02 -25.48 2.35
CA ASP A 583 -3.31 -25.57 3.63
C ASP A 583 -3.00 -24.18 4.19
N GLU A 584 -2.56 -23.25 3.32
CA GLU A 584 -2.06 -21.97 3.85
C GLU A 584 -3.16 -21.18 4.57
N LEU A 585 -4.43 -21.52 4.36
CA LEU A 585 -5.54 -20.83 5.07
C LEU A 585 -6.29 -21.78 5.97
N LEU A 586 -5.83 -23.01 6.16
CA LEU A 586 -6.71 -24.00 6.81
C LEU A 586 -7.23 -23.53 8.17
N LEU A 587 -6.33 -22.95 8.97
CA LEU A 587 -6.78 -22.70 10.35
C LEU A 587 -7.58 -21.41 10.46
N PHE A 588 -7.61 -20.59 9.39
CA PHE A 588 -8.56 -19.49 9.31
C PHE A 588 -9.99 -20.01 9.17
N PHE A 589 -10.16 -21.15 8.50
CA PHE A 589 -11.50 -21.62 8.15
C PHE A 589 -11.97 -22.85 8.94
N HIS A 590 -11.07 -23.68 9.47
CA HIS A 590 -11.44 -24.91 10.14
C HIS A 590 -10.74 -25.02 11.50
N HIS A 591 -11.49 -25.65 12.43
CA HIS A 591 -10.88 -26.09 13.67
C HIS A 591 -10.55 -27.58 13.50
N VAL A 592 -9.29 -27.93 13.61
CA VAL A 592 -8.84 -29.28 13.27
C VAL A 592 -7.94 -29.88 14.36
N PRO A 593 -7.86 -31.20 14.41
N PRO A 593 -7.91 -31.20 14.48
CA PRO A 593 -6.94 -31.83 15.38
CA PRO A 593 -6.96 -31.84 15.40
C PRO A 593 -5.50 -31.62 14.94
C PRO A 593 -5.51 -31.60 14.94
N TYR A 594 -4.60 -31.64 15.93
CA TYR A 594 -3.17 -31.51 15.61
C TYR A 594 -2.71 -32.59 14.65
N THR A 595 -3.37 -33.74 14.68
CA THR A 595 -2.98 -34.89 13.80
C THR A 595 -3.61 -34.80 12.44
N HIS A 596 -4.45 -33.80 12.13
CA HIS A 596 -5.00 -33.68 10.77
C HIS A 596 -3.90 -33.62 9.73
N ARG A 597 -4.00 -34.39 8.64
CA ARG A 597 -2.97 -34.33 7.60
C ARG A 597 -3.28 -33.32 6.51
N LEU A 598 -2.31 -32.45 6.27
CA LEU A 598 -2.43 -31.43 5.22
C LEU A 598 -2.21 -31.98 3.83
N HIS A 599 -2.48 -31.16 2.81
CA HIS A 599 -2.16 -31.55 1.43
C HIS A 599 -0.68 -31.85 1.27
N SER A 600 0.19 -31.21 2.07
CA SER A 600 1.62 -31.49 1.97
C SER A 600 2.02 -32.83 2.58
N GLY A 601 1.08 -33.51 3.25
CA GLY A 601 1.36 -34.79 3.92
C GLY A 601 1.69 -34.54 5.39
N GLU A 602 2.04 -33.31 5.77
CA GLU A 602 2.39 -33.05 7.15
C GLU A 602 1.14 -33.04 8.05
N THR A 603 1.26 -33.54 9.30
CA THR A 603 0.20 -33.21 10.26
C THR A 603 0.29 -31.72 10.57
N VAL A 604 -0.85 -31.18 11.08
CA VAL A 604 -0.82 -29.76 11.42
C VAL A 604 0.28 -29.49 12.44
N ILE A 605 0.42 -30.31 13.49
CA ILE A 605 1.46 -29.98 14.51
C ILE A 605 2.85 -30.09 13.92
N GLN A 606 3.12 -31.13 13.07
CA GLN A 606 4.48 -31.21 12.53
C GLN A 606 4.76 -30.11 11.51
N HIS A 607 3.72 -29.66 10.80
CA HIS A 607 3.85 -28.48 9.94
C HIS A 607 4.33 -27.30 10.77
N ILE A 608 3.68 -27.06 11.92
CA ILE A 608 4.12 -25.95 12.80
C ILE A 608 5.60 -26.10 13.13
N TYR A 609 6.01 -27.28 13.62
CA TYR A 609 7.44 -27.42 13.97
C TYR A 609 8.32 -27.19 12.73
N ASN A 610 7.94 -27.85 11.61
CA ASN A 610 8.81 -27.76 10.40
C ASN A 610 9.06 -26.33 9.97
N THR A 611 7.94 -25.57 9.87
CA THR A 611 8.14 -24.24 9.31
C THR A 611 8.89 -23.35 10.30
N HIS A 612 8.72 -23.60 11.60
CA HIS A 612 9.42 -22.70 12.58
C HIS A 612 10.89 -23.02 12.63
N PHE A 613 11.26 -24.30 12.63
CA PHE A 613 12.71 -24.60 12.57
C PHE A 613 13.30 -24.13 11.26
N GLU A 614 12.62 -24.44 10.15
CA GLU A 614 13.21 -24.20 8.83
C GLU A 614 13.19 -22.72 8.51
N GLY A 615 12.20 -21.98 8.99
CA GLY A 615 12.13 -20.54 8.83
C GLY A 615 13.37 -19.85 9.38
N VAL A 616 13.87 -20.28 10.54
CA VAL A 616 15.08 -19.67 11.10
C VAL A 616 16.28 -20.01 10.20
N GLU A 617 16.35 -21.25 9.71
CA GLU A 617 17.46 -21.61 8.82
C GLU A 617 17.43 -20.73 7.56
N GLN A 618 16.22 -20.45 7.07
CA GLN A 618 16.09 -19.59 5.87
C GLN A 618 16.50 -18.16 6.18
N ALA A 619 16.14 -17.64 7.36
CA ALA A 619 16.59 -16.31 7.78
C ALA A 619 18.11 -16.23 7.86
N LYS A 620 18.74 -17.31 8.37
CA LYS A 620 20.21 -17.35 8.42
C LYS A 620 20.78 -17.26 6.98
N GLN A 621 20.10 -17.91 6.05
CA GLN A 621 20.54 -17.87 4.67
C GLN A 621 20.36 -16.48 4.03
N LEU A 622 19.28 -15.78 4.42
CA LEU A 622 19.16 -14.38 3.96
C LEU A 622 20.41 -13.59 4.34
N ARG A 623 20.80 -13.77 5.60
CA ARG A 623 21.96 -13.01 6.08
C ARG A 623 23.25 -13.47 5.39
N LYS A 624 23.43 -14.78 5.20
CA LYS A 624 24.65 -15.28 4.57
C LYS A 624 24.79 -14.71 3.15
N ARG A 625 23.63 -14.71 2.45
CA ARG A 625 23.66 -14.26 1.04
C ARG A 625 23.97 -12.78 0.97
N TRP A 626 23.44 -11.98 1.89
CA TRP A 626 23.83 -10.57 1.93
C TRP A 626 25.32 -10.39 2.20
N GLU A 627 25.85 -11.18 3.15
CA GLU A 627 27.29 -11.04 3.47
C GLU A 627 28.16 -11.30 2.27
N GLN A 628 27.69 -12.16 1.37
CA GLN A 628 28.49 -12.50 0.18
C GLN A 628 28.58 -11.31 -0.77
N LEU A 629 27.78 -10.28 -0.58
CA LEU A 629 27.83 -9.06 -1.36
C LEU A 629 28.76 -7.99 -0.81
N LYS A 630 29.45 -8.27 0.30
CA LYS A 630 30.35 -7.24 0.83
C LYS A 630 31.38 -6.84 -0.24
N GLY A 631 31.59 -5.52 -0.36
CA GLY A 631 32.51 -5.11 -1.44
C GLY A 631 31.75 -4.71 -2.68
N LYS A 632 30.50 -5.14 -2.84
CA LYS A 632 29.73 -4.75 -4.05
C LYS A 632 28.61 -3.75 -3.73
N ILE A 633 28.56 -3.39 -2.44
CA ILE A 633 27.57 -2.46 -1.90
C ILE A 633 28.31 -1.44 -1.07
N ASP A 634 27.91 -0.18 -1.06
CA ASP A 634 28.64 0.78 -0.21
C ASP A 634 28.58 0.30 1.24
N GLU A 635 29.67 0.58 1.99
CA GLU A 635 29.71 0.05 3.37
C GLU A 635 28.55 0.51 4.24
N LYS A 636 28.11 1.76 4.14
CA LYS A 636 27.04 2.23 5.05
C LYS A 636 25.77 1.42 4.82
N ARG A 637 25.27 1.27 3.60
CA ARG A 637 24.05 0.46 3.39
C ARG A 637 24.32 -1.02 3.63
N TYR A 638 25.51 -1.52 3.30
CA TYR A 638 25.86 -2.91 3.63
C TYR A 638 25.64 -3.19 5.11
N HIS A 639 26.23 -2.31 5.95
CA HIS A 639 26.13 -2.52 7.41
C HIS A 639 24.73 -2.20 7.91
N ASP A 640 24.03 -1.21 7.35
CA ASP A 640 22.67 -0.95 7.84
C ASP A 640 21.81 -2.21 7.70
N VAL A 641 21.93 -2.81 6.49
CA VAL A 641 21.09 -4.00 6.21
C VAL A 641 21.58 -5.18 7.05
N LEU A 642 22.91 -5.38 7.13
CA LEU A 642 23.42 -6.52 7.87
C LEU A 642 22.97 -6.46 9.34
N GLU A 643 22.96 -5.24 9.92
CA GLU A 643 22.51 -5.13 11.29
C GLU A 643 21.06 -5.58 11.44
N ARG A 644 20.20 -5.21 10.48
CA ARG A 644 18.82 -5.65 10.62
C ARG A 644 18.67 -7.15 10.37
N LEU A 645 19.44 -7.67 9.41
CA LEU A 645 19.32 -9.13 9.21
C LEU A 645 19.77 -9.94 10.43
N THR A 646 20.75 -9.44 11.16
CA THR A 646 21.16 -10.06 12.40
C THR A 646 20.08 -9.96 13.48
N ILE A 647 19.47 -8.77 13.58
CA ILE A 647 18.29 -8.63 14.46
C ILE A 647 17.22 -9.64 14.05
N GLN A 648 16.96 -9.79 12.77
CA GLN A 648 15.96 -10.71 12.27
C GLN A 648 16.28 -12.13 12.67
N VAL A 649 17.54 -12.55 12.46
CA VAL A 649 17.89 -13.95 12.81
C VAL A 649 17.64 -14.20 14.29
N GLU A 650 18.09 -13.29 15.14
CA GLU A 650 17.92 -13.54 16.59
C GLU A 650 16.47 -13.53 16.95
N HIS A 651 15.67 -12.64 16.34
CA HIS A 651 14.25 -12.63 16.73
C HIS A 651 13.51 -13.82 16.17
N ALA A 652 13.90 -14.29 14.99
CA ALA A 652 13.30 -15.48 14.43
C ALA A 652 13.49 -16.67 15.35
N LYS A 653 14.67 -16.76 16.02
CA LYS A 653 14.87 -17.86 16.97
C LYS A 653 13.85 -17.80 18.11
N GLU A 654 13.53 -16.57 18.55
CA GLU A 654 12.52 -16.39 19.61
C GLU A 654 11.17 -16.84 19.09
N TRP A 655 10.78 -16.40 17.86
CA TRP A 655 9.50 -16.85 17.30
C TRP A 655 9.43 -18.38 17.23
N ARG A 656 10.51 -18.99 16.70
CA ARG A 656 10.55 -20.46 16.57
C ARG A 656 10.35 -21.15 17.91
N ASP A 657 11.17 -20.72 18.91
CA ASP A 657 11.14 -21.50 20.15
C ASP A 657 9.87 -21.22 20.95
N VAL A 658 9.37 -19.96 20.97
CA VAL A 658 8.12 -19.71 21.71
C VAL A 658 6.96 -20.50 21.11
N ILE A 659 6.83 -20.46 19.76
CA ILE A 659 5.68 -21.19 19.18
C ILE A 659 5.86 -22.68 19.36
N ASN A 660 7.08 -23.19 19.15
CA ASN A 660 7.26 -24.65 19.24
C ASN A 660 7.01 -25.12 20.69
N THR A 661 7.53 -24.38 21.65
CA THR A 661 7.29 -24.75 23.08
C THR A 661 5.82 -24.65 23.43
N TYR A 662 5.15 -23.57 23.00
CA TYR A 662 3.73 -23.49 23.30
C TYR A 662 3.00 -24.72 22.78
N PHE A 663 3.26 -25.10 21.54
CA PHE A 663 2.49 -26.19 20.94
C PHE A 663 2.95 -27.54 21.44
N TYR A 664 4.20 -27.69 21.87
CA TYR A 664 4.59 -28.96 22.52
C TYR A 664 3.87 -29.04 23.87
N ARG A 665 3.88 -27.93 24.62
CA ARG A 665 3.22 -27.94 25.95
C ARG A 665 1.76 -28.23 25.84
N LYS A 666 1.07 -27.82 24.78
CA LYS A 666 -0.34 -28.09 24.60
C LYS A 666 -0.60 -29.44 23.95
N SER A 667 0.15 -29.80 22.90
CA SER A 667 -0.19 -31.02 22.13
C SER A 667 0.44 -32.26 22.71
N GLY A 668 1.59 -32.13 23.36
CA GLY A 668 2.35 -33.28 23.89
C GLY A 668 3.03 -34.07 22.75
N ILE A 669 2.98 -33.60 21.51
CA ILE A 669 3.52 -34.36 20.36
C ILE A 669 4.91 -33.85 20.05
N ASP A 670 5.88 -34.77 20.05
CA ASP A 670 7.25 -34.29 19.82
C ASP A 670 7.54 -34.00 18.34
N ASP A 671 8.61 -33.26 18.10
CA ASP A 671 9.11 -33.07 16.74
C ASP A 671 9.54 -34.41 16.12
N GLN A 672 9.00 -34.67 14.92
CA GLN A 672 9.30 -35.89 14.16
C GLN A 672 10.80 -36.13 14.11
N TYR A 673 11.60 -35.07 14.00
CA TYR A 673 13.02 -35.19 13.74
C TYR A 673 13.92 -34.98 14.96
N GLY A 674 13.30 -34.73 16.08
CA GLY A 674 14.10 -34.71 17.30
C GLY A 674 14.85 -33.41 17.50
N ARG A 675 14.41 -32.36 16.82
CA ARG A 675 15.10 -31.06 16.96
C ARG A 675 14.74 -30.40 18.28
N LYS A 676 15.47 -29.31 18.61
CA LYS A 676 15.44 -28.82 19.98
C LYS A 676 14.19 -28.00 20.27
N ILE A 677 13.34 -28.56 21.10
CA ILE A 677 12.20 -27.82 21.63
C ILE A 677 12.43 -27.70 23.14
N TYR A 678 12.46 -26.45 23.59
CA TYR A 678 12.68 -26.20 25.02
C TYR A 678 11.44 -26.60 25.78
#